data_9AVI
#
_entry.id   9AVI
#
_cell.length_a   1.00
_cell.length_b   1.00
_cell.length_c   1.00
_cell.angle_alpha   90.00
_cell.angle_beta   90.00
_cell.angle_gamma   90.00
#
_symmetry.space_group_name_H-M   'P 1'
#
_entity_poly.entity_id   1
_entity_poly.type   'polypeptide(L)'
_entity_poly.pdbx_seq_one_letter_code
;MATNIESTLHISDLILQASPVVQLVMLILLLASIFSWYLIAKLHMSYKKARQDDEHFQKMFWSGAELNTLYNNAQLNSKR
SGLEDIFYQGLSEFFKLKKRQAPTSQMIEGTERILRVGLSRDQGSLEYGLGTLASIGSVAPYIGLFGTVWGIMNAFIGLA
AVDQVTLATVAPGIAEALIATAIGLFAAIPAVLAFNHFTAKSESVYSDRALFAEEMIALLQRQSVGSSQEDA
;
_entity_poly.pdbx_strand_id   A,B,C,D,E
#
# COMPACT_ATOMS: atom_id res chain seq x y z
N HIS A 10 -42.25 3.46 9.64
CA HIS A 10 -42.14 2.75 10.96
C HIS A 10 -40.69 2.79 11.48
N ILE A 11 -39.69 2.60 10.60
CA ILE A 11 -38.25 2.51 10.97
C ILE A 11 -37.91 3.73 11.84
N SER A 12 -38.30 4.93 11.39
CA SER A 12 -38.19 6.21 12.13
C SER A 12 -38.48 6.01 13.62
N ASP A 13 -39.58 5.32 13.94
CA ASP A 13 -40.00 5.03 15.34
C ASP A 13 -38.83 4.38 16.11
N LEU A 14 -38.22 3.32 15.58
CA LEU A 14 -37.16 2.55 16.30
C LEU A 14 -36.02 3.51 16.72
N ILE A 15 -35.42 4.23 15.77
CA ILE A 15 -34.32 5.20 16.04
C ILE A 15 -34.73 6.13 17.20
N LEU A 16 -35.99 6.57 17.24
CA LEU A 16 -36.50 7.51 18.28
C LEU A 16 -36.47 6.84 19.66
N GLN A 17 -36.80 5.54 19.75
CA GLN A 17 -36.95 4.81 21.05
C GLN A 17 -35.82 3.77 21.17
N ALA A 18 -34.60 4.22 21.48
CA ALA A 18 -33.39 3.38 21.65
C ALA A 18 -32.54 3.89 22.83
N SER A 19 -31.59 3.05 23.26
CA SER A 19 -30.57 3.36 24.30
C SER A 19 -29.86 4.66 23.94
N PRO A 20 -29.56 5.56 24.91
CA PRO A 20 -28.83 6.79 24.62
C PRO A 20 -27.58 6.59 23.75
N VAL A 21 -26.82 5.51 24.01
CA VAL A 21 -25.52 5.23 23.35
C VAL A 21 -25.77 4.95 21.86
N VAL A 22 -26.70 4.06 21.54
CA VAL A 22 -26.95 3.70 20.12
C VAL A 22 -27.43 4.97 19.41
N GLN A 23 -28.22 5.81 20.07
CA GLN A 23 -28.73 7.07 19.46
C GLN A 23 -27.55 7.98 19.11
N LEU A 24 -26.56 8.13 20.00
CA LEU A 24 -25.34 8.95 19.73
C LEU A 24 -24.56 8.32 18.56
N VAL A 25 -24.38 7.00 18.53
CA VAL A 25 -23.75 6.34 17.35
C VAL A 25 -24.53 6.75 16.10
N MET A 26 -25.86 6.70 16.14
CA MET A 26 -26.67 7.01 14.95
C MET A 26 -26.55 8.49 14.58
N LEU A 27 -26.33 9.42 15.52
CA LEU A 27 -26.10 10.84 15.13
C LEU A 27 -24.69 11.00 14.54
N ILE A 28 -23.69 10.46 15.22
CA ILE A 28 -22.28 10.52 14.70
C ILE A 28 -22.28 10.04 13.25
N LEU A 29 -23.14 9.10 12.89
CA LEU A 29 -23.08 8.44 11.56
C LEU A 29 -23.95 9.21 10.58
N LEU A 30 -25.11 9.70 10.98
CA LEU A 30 -25.95 10.51 10.05
C LEU A 30 -25.23 11.83 9.77
N LEU A 31 -24.50 12.38 10.72
CA LEU A 31 -23.67 13.56 10.42
C LEU A 31 -22.54 13.17 9.46
N ALA A 32 -21.87 12.04 9.66
CA ALA A 32 -20.79 11.61 8.73
C ALA A 32 -21.41 11.51 7.34
N SER A 33 -22.59 10.90 7.23
CA SER A 33 -23.32 10.76 5.95
C SER A 33 -23.46 12.14 5.35
N ILE A 34 -24.04 13.05 6.09
CA ILE A 34 -24.34 14.42 5.57
C ILE A 34 -23.03 15.10 5.18
N PHE A 35 -22.00 15.05 6.01
CA PHE A 35 -20.71 15.69 5.66
C PHE A 35 -20.11 15.03 4.41
N SER A 36 -20.08 13.70 4.34
CA SER A 36 -19.67 12.96 3.12
C SER A 36 -20.29 13.66 1.92
N TRP A 37 -21.62 13.77 1.94
CA TRP A 37 -22.36 14.29 0.77
C TRP A 37 -21.95 15.73 0.47
N TYR A 38 -21.71 16.57 1.47
CA TYR A 38 -21.26 17.97 1.23
C TYR A 38 -19.90 17.92 0.55
N LEU A 39 -18.94 17.16 1.08
CA LEU A 39 -17.61 17.00 0.45
C LEU A 39 -17.73 16.44 -0.98
N ILE A 40 -18.65 15.53 -1.22
CA ILE A 40 -18.74 14.87 -2.54
C ILE A 40 -19.25 15.90 -3.52
N ALA A 41 -20.03 16.88 -3.08
CA ALA A 41 -20.46 18.01 -3.91
C ALA A 41 -19.29 18.97 -4.11
N LYS A 42 -18.56 19.33 -3.05
CA LYS A 42 -17.42 20.28 -3.19
C LYS A 42 -16.38 19.67 -4.12
N LEU A 43 -15.96 18.43 -3.91
CA LEU A 43 -14.92 17.79 -4.73
C LEU A 43 -15.39 17.72 -6.17
N HIS A 44 -16.66 17.45 -6.42
CA HIS A 44 -17.20 17.36 -7.81
C HIS A 44 -17.13 18.72 -8.52
N MET A 45 -17.47 19.80 -7.83
CA MET A 45 -17.36 21.15 -8.43
C MET A 45 -15.89 21.44 -8.72
N SER A 46 -15.01 21.26 -7.74
CA SER A 46 -13.56 21.58 -7.82
C SER A 46 -12.93 20.87 -9.02
N TYR A 47 -13.23 19.59 -9.21
CA TYR A 47 -12.57 18.79 -10.26
C TYR A 47 -13.27 19.00 -11.59
N LYS A 48 -14.43 19.64 -11.66
CA LYS A 48 -15.02 19.95 -12.98
C LYS A 48 -14.46 21.30 -13.45
N LYS A 49 -14.33 22.29 -12.55
CA LYS A 49 -13.69 23.58 -12.90
C LYS A 49 -12.27 23.30 -13.37
N ALA A 50 -11.50 22.50 -12.62
CA ALA A 50 -10.11 22.12 -12.97
C ALA A 50 -10.06 21.56 -14.38
N ARG A 51 -10.82 20.50 -14.67
CA ARG A 51 -10.79 19.81 -15.98
C ARG A 51 -11.14 20.82 -17.07
N GLN A 52 -12.12 21.70 -16.84
CA GLN A 52 -12.63 22.68 -17.84
C GLN A 52 -11.54 23.69 -18.16
N ASP A 53 -10.94 24.31 -17.15
CA ASP A 53 -9.95 25.39 -17.35
C ASP A 53 -8.68 24.80 -17.96
N ASP A 54 -8.26 23.61 -17.53
CA ASP A 54 -7.08 22.90 -18.11
C ASP A 54 -7.27 22.75 -19.62
N GLU A 55 -8.43 22.27 -20.08
CA GLU A 55 -8.69 22.08 -21.53
C GLU A 55 -8.62 23.45 -22.23
N HIS A 56 -9.23 24.49 -21.66
CA HIS A 56 -9.27 25.85 -22.25
C HIS A 56 -7.84 26.35 -22.48
N PHE A 57 -7.04 26.46 -21.42
CA PHE A 57 -5.64 26.93 -21.47
C PHE A 57 -4.84 26.02 -22.41
N GLN A 58 -4.85 24.72 -22.14
CA GLN A 58 -4.05 23.72 -22.88
C GLN A 58 -4.30 23.91 -24.39
N LYS A 59 -5.58 23.99 -24.80
CA LYS A 59 -5.99 24.29 -26.21
C LYS A 59 -5.28 25.58 -26.67
N MET A 60 -5.48 26.69 -25.94
CA MET A 60 -4.99 28.04 -26.31
C MET A 60 -3.46 28.05 -26.43
N PHE A 61 -2.75 27.38 -25.52
CA PHE A 61 -1.27 27.27 -25.50
C PHE A 61 -0.78 26.54 -26.75
N TRP A 62 -1.34 25.38 -27.06
CA TRP A 62 -0.97 24.57 -28.26
C TRP A 62 -1.61 25.20 -29.52
N SER A 63 -2.46 26.22 -29.37
CA SER A 63 -2.87 27.14 -30.47
C SER A 63 -1.67 28.01 -30.86
N GLY A 64 -1.76 28.66 -32.04
CA GLY A 64 -0.64 29.33 -32.73
C GLY A 64 0.09 30.34 -31.85
N ALA A 65 -0.64 31.17 -31.11
CA ALA A 65 -0.14 32.33 -30.33
C ALA A 65 1.14 31.96 -29.55
N GLU A 66 2.15 32.83 -29.62
CA GLU A 66 3.50 32.65 -29.00
C GLU A 66 3.39 32.68 -27.46
N LEU A 67 4.42 32.14 -26.78
CA LEU A 67 4.56 32.17 -25.29
C LEU A 67 4.36 33.60 -24.77
N ASN A 68 5.10 34.57 -25.33
CA ASN A 68 5.07 35.98 -24.85
C ASN A 68 3.60 36.45 -24.83
N THR A 69 2.88 36.33 -25.95
CA THR A 69 1.43 36.66 -26.07
C THR A 69 0.68 36.07 -24.86
N LEU A 70 0.72 34.74 -24.71
CA LEU A 70 0.04 34.00 -23.61
C LEU A 70 0.42 34.65 -22.28
N TYR A 71 1.72 34.79 -21.99
CA TYR A 71 2.21 35.39 -20.71
C TYR A 71 1.54 36.75 -20.48
N ASN A 72 1.42 37.58 -21.52
CA ASN A 72 0.79 38.92 -21.43
C ASN A 72 -0.59 38.76 -20.78
N ASN A 73 -1.44 37.94 -21.41
CA ASN A 73 -2.88 37.74 -21.04
C ASN A 73 -2.95 37.32 -19.57
N ALA A 74 -2.25 36.25 -19.19
CA ALA A 74 -2.19 35.68 -17.83
C ALA A 74 -1.88 36.79 -16.81
N GLN A 75 -0.82 37.58 -17.05
CA GLN A 75 -0.43 38.72 -16.20
C GLN A 75 -1.63 39.67 -16.05
N LEU A 76 -2.36 39.92 -17.14
CA LEU A 76 -3.56 40.82 -17.15
C LEU A 76 -4.66 40.24 -16.25
N ASN A 77 -4.96 38.95 -16.39
CA ASN A 77 -6.06 38.27 -15.65
C ASN A 77 -5.72 38.22 -14.15
N SER A 78 -6.67 38.63 -13.30
CA SER A 78 -6.60 38.52 -11.81
C SER A 78 -7.27 37.23 -11.33
N LYS A 79 -7.94 36.49 -12.23
CA LYS A 79 -8.63 35.21 -11.97
C LYS A 79 -7.75 34.02 -12.37
N ARG A 80 -6.45 34.21 -12.57
CA ARG A 80 -5.45 33.13 -12.82
C ARG A 80 -5.71 31.98 -11.83
N SER A 81 -5.96 30.78 -12.36
CA SER A 81 -6.24 29.55 -11.59
C SER A 81 -5.72 28.33 -12.37
N GLY A 82 -5.20 27.33 -11.66
CA GLY A 82 -4.82 26.02 -12.23
C GLY A 82 -3.64 26.16 -13.17
N LEU A 83 -3.66 25.49 -14.33
CA LEU A 83 -2.54 25.53 -15.29
C LEU A 83 -2.15 26.99 -15.55
N GLU A 84 -3.11 27.88 -15.84
CA GLU A 84 -2.78 29.29 -16.20
C GLU A 84 -1.88 29.90 -15.12
N ASP A 85 -2.16 29.71 -13.83
CA ASP A 85 -1.29 30.26 -12.74
C ASP A 85 0.01 29.47 -12.70
N ILE A 86 -0.01 28.15 -12.90
CA ILE A 86 1.22 27.31 -12.84
C ILE A 86 2.16 27.76 -13.96
N PHE A 87 1.61 28.08 -15.13
CA PHE A 87 2.34 28.64 -16.31
C PHE A 87 2.90 30.03 -15.95
N TYR A 88 2.07 30.94 -15.44
CA TYR A 88 2.53 32.31 -15.12
C TYR A 88 3.71 32.23 -14.16
N GLN A 89 3.62 31.42 -13.11
CA GLN A 89 4.67 31.29 -12.08
C GLN A 89 5.94 30.70 -12.72
N GLY A 90 5.77 29.73 -13.62
CA GLY A 90 6.85 29.09 -14.39
C GLY A 90 7.61 30.11 -15.22
N LEU A 91 6.95 30.75 -16.20
CA LEU A 91 7.60 31.72 -17.12
C LEU A 91 8.09 32.93 -16.33
N SER A 92 7.34 33.41 -15.32
CA SER A 92 7.77 34.53 -14.46
C SER A 92 9.21 34.27 -14.01
N GLU A 93 9.50 33.04 -13.56
CA GLU A 93 10.88 32.63 -13.15
C GLU A 93 11.81 32.77 -14.36
N PHE A 94 11.44 32.18 -15.49
CA PHE A 94 12.25 32.13 -16.74
C PHE A 94 12.60 33.56 -17.20
N PHE A 95 11.61 34.45 -17.29
CA PHE A 95 11.83 35.87 -17.68
C PHE A 95 12.71 36.57 -16.64
N LYS A 96 12.47 36.30 -15.35
CA LYS A 96 13.23 36.93 -14.23
C LYS A 96 14.70 36.51 -14.30
N LEU A 97 15.01 35.27 -14.72
CA LEU A 97 16.40 34.77 -14.87
C LEU A 97 17.04 35.40 -16.12
N LYS A 98 16.45 35.24 -17.30
CA LYS A 98 17.01 35.73 -18.59
C LYS A 98 17.51 37.17 -18.42
N LYS A 99 16.72 38.03 -17.77
CA LYS A 99 17.06 39.45 -17.46
C LYS A 99 18.38 39.53 -16.70
N ARG A 100 18.69 38.53 -15.85
CA ARG A 100 19.99 38.38 -15.13
C ARG A 100 20.98 37.55 -15.96
N GLN A 101 20.89 37.58 -17.29
CA GLN A 101 21.85 36.97 -18.25
C GLN A 101 22.50 35.72 -17.63
N ALA A 102 21.68 34.72 -17.29
CA ALA A 102 22.10 33.41 -16.77
C ALA A 102 22.20 32.42 -17.92
N PRO A 103 22.87 31.25 -17.74
CA PRO A 103 22.98 30.27 -18.82
C PRO A 103 21.66 29.53 -19.04
N THR A 104 21.28 29.33 -20.30
CA THR A 104 20.04 28.60 -20.74
C THR A 104 19.78 27.42 -19.80
N SER A 105 20.76 26.51 -19.70
CA SER A 105 20.75 25.31 -18.82
C SER A 105 20.12 25.66 -17.46
N GLN A 106 20.61 26.72 -16.82
CA GLN A 106 20.11 27.22 -15.52
C GLN A 106 18.67 27.72 -15.70
N MET A 107 18.42 28.59 -16.69
CA MET A 107 17.07 29.19 -16.95
C MET A 107 16.02 28.08 -16.97
N ILE A 108 16.24 27.01 -17.74
CA ILE A 108 15.28 25.86 -17.85
C ILE A 108 15.17 25.20 -16.48
N GLU A 109 16.29 24.78 -15.87
CA GLU A 109 16.29 24.09 -14.55
C GLU A 109 15.44 24.89 -13.56
N GLY A 110 15.73 26.19 -13.43
CA GLY A 110 14.97 27.14 -12.60
C GLY A 110 13.48 27.06 -12.87
N THR A 111 13.06 27.35 -14.11
CA THR A 111 11.62 27.40 -14.50
C THR A 111 10.94 26.04 -14.28
N GLU A 112 11.70 24.95 -14.30
CA GLU A 112 11.20 23.56 -14.14
C GLU A 112 11.05 23.23 -12.64
N ARG A 113 11.72 23.96 -11.74
CA ARG A 113 11.59 23.79 -10.27
C ARG A 113 10.34 24.56 -9.82
N ILE A 114 10.15 25.78 -10.32
CA ILE A 114 9.07 26.69 -9.82
C ILE A 114 7.74 26.32 -10.45
N LEU A 115 7.69 25.33 -11.35
CA LEU A 115 6.39 24.76 -11.82
C LEU A 115 6.26 23.29 -11.44
N ARG A 116 7.20 22.69 -10.70
CA ARG A 116 6.93 21.51 -9.85
C ARG A 116 6.45 21.97 -8.47
N VAL A 117 6.67 23.26 -8.17
CA VAL A 117 6.25 23.99 -6.94
C VAL A 117 5.00 24.80 -7.29
N GLY A 118 4.32 24.41 -8.36
CA GLY A 118 3.00 24.94 -8.75
C GLY A 118 2.02 23.81 -9.02
N LEU A 119 2.49 22.69 -9.57
CA LEU A 119 1.66 21.48 -9.82
C LEU A 119 1.48 20.69 -8.54
N SER A 120 2.16 21.06 -7.46
CA SER A 120 2.10 20.37 -6.15
C SER A 120 1.42 21.25 -5.11
N ARG A 121 1.37 22.55 -5.35
CA ARG A 121 0.72 23.53 -4.46
C ARG A 121 -0.66 23.87 -5.03
N ASP A 122 -1.11 23.14 -6.06
CA ASP A 122 -2.52 23.24 -6.54
C ASP A 122 -3.16 21.87 -6.58
N GLN A 123 -2.38 20.78 -6.51
CA GLN A 123 -2.94 19.42 -6.27
C GLN A 123 -3.58 19.44 -4.89
N GLY A 124 -2.82 19.88 -3.89
CA GLY A 124 -3.25 20.04 -2.49
C GLY A 124 -4.57 20.80 -2.32
N SER A 125 -4.92 21.69 -3.25
CA SER A 125 -6.09 22.58 -3.11
C SER A 125 -7.27 22.07 -3.94
N LEU A 126 -7.07 21.04 -4.76
CA LEU A 126 -8.15 20.33 -5.49
C LEU A 126 -8.68 19.23 -4.59
N GLU A 127 -7.74 18.48 -3.98
CA GLU A 127 -7.99 17.35 -3.06
C GLU A 127 -8.41 17.90 -1.69
N TYR A 128 -9.42 18.76 -1.62
CA TYR A 128 -9.70 19.58 -0.41
C TYR A 128 -10.06 18.66 0.74
N GLY A 129 -11.07 17.79 0.51
CA GLY A 129 -11.67 16.93 1.54
C GLY A 129 -11.43 15.47 1.27
N LEU A 130 -10.58 15.15 0.33
CA LEU A 130 -10.54 13.78 -0.23
C LEU A 130 -10.07 12.82 0.87
N GLY A 131 -9.32 13.31 1.84
CA GLY A 131 -8.77 12.45 2.91
C GLY A 131 -9.83 12.14 3.95
N THR A 132 -10.69 13.11 4.26
CA THR A 132 -11.88 12.94 5.13
C THR A 132 -12.78 11.81 4.62
N LEU A 133 -13.21 11.87 3.36
CA LEU A 133 -13.97 10.79 2.74
C LEU A 133 -13.27 9.45 2.96
N ALA A 134 -11.95 9.40 3.02
CA ALA A 134 -11.28 8.11 3.23
C ALA A 134 -11.54 7.63 4.65
N SER A 135 -11.43 8.53 5.64
CA SER A 135 -11.75 8.26 7.06
C SER A 135 -13.23 7.86 7.17
N ILE A 136 -14.16 8.80 6.97
CA ILE A 136 -15.62 8.47 6.97
C ILE A 136 -15.79 7.07 6.38
N GLY A 137 -15.20 6.80 5.25
CA GLY A 137 -15.45 5.53 4.56
C GLY A 137 -14.91 4.33 5.30
N SER A 138 -13.83 4.48 6.05
CA SER A 138 -13.11 3.33 6.66
C SER A 138 -13.65 3.10 8.06
N VAL A 139 -13.63 4.14 8.89
CA VAL A 139 -14.14 4.12 10.28
C VAL A 139 -15.65 3.85 10.33
N ALA A 140 -16.48 4.58 9.61
CA ALA A 140 -17.94 4.65 9.81
C ALA A 140 -18.55 3.27 9.89
N PRO A 141 -18.12 2.29 9.07
CA PRO A 141 -18.65 0.93 9.18
C PRO A 141 -18.53 0.42 10.62
N TYR A 142 -17.38 0.67 11.26
CA TYR A 142 -17.00 0.14 12.59
C TYR A 142 -17.59 0.99 13.72
N ILE A 143 -17.86 2.28 13.53
CA ILE A 143 -18.72 3.05 14.48
C ILE A 143 -20.10 2.39 14.53
N GLY A 144 -20.64 2.04 13.36
CA GLY A 144 -21.92 1.34 13.27
C GLY A 144 -21.85 0.05 14.05
N LEU A 145 -20.82 -0.74 13.80
CA LEU A 145 -20.64 -2.07 14.45
C LEU A 145 -20.60 -1.90 15.97
N PHE A 146 -19.93 -0.87 16.47
CA PHE A 146 -19.93 -0.57 17.91
C PHE A 146 -21.37 -0.37 18.38
N GLY A 147 -22.15 0.40 17.64
CA GLY A 147 -23.59 0.56 17.94
C GLY A 147 -24.29 -0.78 17.96
N THR A 148 -24.02 -1.62 16.98
CA THR A 148 -24.65 -2.96 16.89
C THR A 148 -24.33 -3.73 18.17
N VAL A 149 -23.05 -3.84 18.52
CA VAL A 149 -22.61 -4.64 19.69
C VAL A 149 -23.25 -4.03 20.94
N TRP A 150 -23.20 -2.72 21.14
CA TRP A 150 -23.91 -2.12 22.30
C TRP A 150 -25.36 -2.55 22.32
N GLY A 151 -25.98 -2.65 21.15
CA GLY A 151 -27.40 -3.02 21.02
C GLY A 151 -27.66 -4.46 21.40
N ILE A 152 -26.90 -5.40 20.83
CA ILE A 152 -27.04 -6.85 21.12
C ILE A 152 -26.74 -7.11 22.61
N MET A 153 -25.99 -6.22 23.24
CA MET A 153 -25.50 -6.32 24.62
C MET A 153 -26.38 -5.51 25.56
N ASN A 154 -27.42 -4.82 25.06
CA ASN A 154 -28.49 -4.24 25.92
C ASN A 154 -29.79 -4.99 25.62
N ALA A 155 -29.67 -6.10 24.88
CA ALA A 155 -30.68 -7.17 24.85
C ALA A 155 -30.32 -8.15 25.97
N PHE A 156 -29.24 -8.91 25.78
CA PHE A 156 -28.87 -10.07 26.62
C PHE A 156 -28.80 -9.62 28.09
N ILE A 157 -28.15 -8.49 28.37
CA ILE A 157 -28.15 -7.87 29.73
C ILE A 157 -29.60 -7.70 30.20
N GLY A 158 -30.52 -7.32 29.31
CA GLY A 158 -31.96 -7.21 29.61
C GLY A 158 -32.65 -8.56 29.78
N LEU A 159 -32.37 -9.52 28.88
CA LEU A 159 -33.01 -10.86 28.79
C LEU A 159 -33.02 -11.55 30.16
N ALA A 160 -31.88 -11.55 30.87
CA ALA A 160 -31.69 -12.19 32.19
C ALA A 160 -32.86 -11.84 33.13
N ALA A 161 -33.21 -10.55 33.21
CA ALA A 161 -34.18 -9.97 34.17
C ALA A 161 -35.57 -10.59 34.02
N VAL A 162 -36.07 -10.77 32.79
CA VAL A 162 -37.48 -11.15 32.50
C VAL A 162 -37.75 -12.59 32.99
N ASP A 163 -39.01 -12.86 33.35
CA ASP A 163 -39.52 -14.21 33.75
C ASP A 163 -39.35 -15.19 32.59
N GLN A 164 -39.70 -14.79 31.36
CA GLN A 164 -39.80 -15.70 30.18
C GLN A 164 -39.00 -15.13 28.99
N VAL A 165 -38.11 -15.95 28.44
CA VAL A 165 -37.22 -15.61 27.29
C VAL A 165 -37.93 -15.97 25.99
N THR A 166 -39.06 -15.31 25.70
CA THR A 166 -39.71 -15.34 24.36
C THR A 166 -38.76 -14.63 23.39
N LEU A 167 -38.55 -15.19 22.20
CA LEU A 167 -37.77 -14.51 21.13
C LEU A 167 -38.31 -13.08 21.02
N ALA A 168 -39.64 -12.94 20.92
CA ALA A 168 -40.40 -11.67 20.91
C ALA A 168 -39.91 -10.67 21.98
N THR A 169 -39.40 -11.13 23.12
CA THR A 169 -38.82 -10.25 24.18
C THR A 169 -37.58 -9.52 23.63
N VAL A 170 -36.63 -10.28 23.06
CA VAL A 170 -35.28 -9.76 22.64
C VAL A 170 -35.43 -8.96 21.34
N ALA A 171 -36.20 -9.47 20.37
CA ALA A 171 -36.22 -9.06 18.94
C ALA A 171 -36.33 -7.55 18.79
N PRO A 172 -37.22 -6.83 19.53
CA PRO A 172 -37.28 -5.37 19.43
C PRO A 172 -35.93 -4.71 19.71
N GLY A 173 -35.11 -5.32 20.59
CA GLY A 173 -33.75 -4.86 20.93
C GLY A 173 -32.69 -5.25 19.91
N ILE A 174 -32.82 -6.41 19.26
CA ILE A 174 -31.88 -6.89 18.20
C ILE A 174 -31.99 -5.98 16.98
N ALA A 175 -33.21 -5.61 16.56
CA ALA A 175 -33.46 -4.67 15.45
C ALA A 175 -32.64 -3.39 15.66
N GLU A 176 -32.87 -2.69 16.77
CA GLU A 176 -32.22 -1.38 17.08
C GLU A 176 -30.69 -1.50 17.05
N ALA A 177 -30.13 -2.71 17.13
CA ALA A 177 -28.70 -2.98 16.85
C ALA A 177 -28.43 -2.90 15.34
N LEU A 178 -29.14 -3.73 14.55
CA LEU A 178 -28.92 -3.83 13.09
C LEU A 178 -29.13 -2.45 12.45
N ILE A 179 -30.08 -1.67 12.94
CA ILE A 179 -30.27 -0.31 12.38
C ILE A 179 -28.92 0.40 12.39
N ALA A 180 -28.20 0.39 13.50
CA ALA A 180 -26.91 1.09 13.64
C ALA A 180 -25.91 0.55 12.63
N THR A 181 -25.76 -0.78 12.45
CA THR A 181 -24.79 -1.29 11.44
C THR A 181 -25.23 -0.92 10.02
N ALA A 182 -26.52 -0.91 9.72
CA ALA A 182 -27.06 -0.46 8.42
C ALA A 182 -26.67 1.00 8.19
N ILE A 183 -27.00 1.90 9.13
CA ILE A 183 -26.64 3.35 9.03
C ILE A 183 -25.12 3.43 8.85
N GLY A 184 -24.37 2.57 9.54
CA GLY A 184 -22.90 2.54 9.45
C GLY A 184 -22.41 2.30 8.04
N LEU A 185 -22.98 1.29 7.36
CA LEU A 185 -22.72 0.94 5.94
C LEU A 185 -23.23 2.02 5.00
N PHE A 186 -24.27 2.77 5.37
CA PHE A 186 -24.86 3.78 4.48
C PHE A 186 -24.06 5.07 4.53
N ALA A 187 -23.32 5.33 5.61
CA ALA A 187 -22.38 6.49 5.74
C ALA A 187 -21.13 6.19 4.91
N ALA A 188 -20.74 4.93 4.88
CA ALA A 188 -19.40 4.47 4.51
C ALA A 188 -19.32 4.15 3.02
N ILE A 189 -20.43 3.80 2.37
CA ILE A 189 -20.42 3.30 0.96
C ILE A 189 -20.29 4.50 0.03
N PRO A 190 -21.13 5.54 0.17
CA PRO A 190 -20.96 6.73 -0.66
C PRO A 190 -19.60 7.43 -0.53
N ALA A 191 -18.85 7.17 0.53
CA ALA A 191 -17.57 7.82 0.84
C ALA A 191 -16.40 6.89 0.50
N VAL A 192 -16.64 5.66 0.03
CA VAL A 192 -15.56 4.84 -0.59
C VAL A 192 -15.85 4.61 -2.07
N LEU A 193 -16.90 5.23 -2.58
CA LEU A 193 -17.14 5.40 -4.02
C LEU A 193 -16.93 6.87 -4.39
N ALA A 194 -16.22 7.60 -3.56
CA ALA A 194 -15.87 9.00 -3.88
C ALA A 194 -14.45 9.27 -3.40
N PHE A 195 -13.96 8.56 -2.38
CA PHE A 195 -12.50 8.48 -2.17
C PHE A 195 -11.91 7.57 -3.24
N ASN A 196 -12.71 6.95 -4.09
CA ASN A 196 -12.16 6.12 -5.18
C ASN A 196 -12.23 6.90 -6.47
N HIS A 197 -13.29 7.66 -6.66
CA HIS A 197 -13.62 8.34 -7.94
C HIS A 197 -12.88 9.67 -8.05
N PHE A 198 -12.58 10.31 -6.94
CA PHE A 198 -11.91 11.63 -6.92
C PHE A 198 -10.42 11.42 -6.70
N THR A 199 -10.00 10.33 -6.07
CA THR A 199 -8.55 9.97 -6.05
C THR A 199 -8.12 9.72 -7.49
N ALA A 200 -8.94 9.04 -8.27
CA ALA A 200 -8.76 8.83 -9.73
C ALA A 200 -8.72 10.17 -10.45
N LYS A 201 -9.77 10.99 -10.32
CA LYS A 201 -9.84 12.29 -11.02
C LYS A 201 -8.65 13.16 -10.58
N SER A 202 -8.14 12.98 -9.37
CA SER A 202 -7.01 13.80 -8.87
C SER A 202 -5.75 13.39 -9.63
N GLU A 203 -5.53 12.09 -9.83
CA GLU A 203 -4.31 11.57 -10.50
C GLU A 203 -4.37 11.93 -11.99
N SER A 204 -5.56 11.86 -12.60
CA SER A 204 -5.82 12.35 -13.98
C SER A 204 -5.35 13.79 -14.11
N VAL A 205 -5.82 14.68 -13.25
CA VAL A 205 -5.53 16.14 -13.36
C VAL A 205 -4.04 16.35 -13.09
N TYR A 206 -3.44 15.65 -12.14
CA TYR A 206 -1.99 15.82 -11.88
C TYR A 206 -1.25 15.43 -13.15
N SER A 207 -1.55 14.24 -13.69
CA SER A 207 -0.86 13.71 -14.89
C SER A 207 -1.06 14.66 -16.08
N ASP A 208 -2.29 15.05 -16.38
CA ASP A 208 -2.59 16.03 -17.47
C ASP A 208 -1.69 17.25 -17.30
N ARG A 209 -1.61 17.84 -16.11
CA ARG A 209 -0.86 19.10 -15.87
C ARG A 209 0.64 18.80 -15.88
N ALA A 210 1.08 17.67 -15.34
CA ALA A 210 2.49 17.25 -15.30
C ALA A 210 3.03 17.10 -16.72
N LEU A 211 2.28 16.40 -17.57
CA LEU A 211 2.68 16.16 -18.99
C LEU A 211 2.62 17.48 -19.75
N PHE A 212 1.69 18.38 -19.44
CA PHE A 212 1.70 19.74 -20.02
C PHE A 212 2.95 20.48 -19.59
N ALA A 213 3.38 20.32 -18.34
CA ALA A 213 4.58 21.01 -17.82
C ALA A 213 5.80 20.53 -18.63
N GLU A 214 5.94 19.20 -18.79
CA GLU A 214 7.04 18.58 -19.57
C GLU A 214 7.04 19.16 -20.97
N GLU A 215 5.89 19.16 -21.64
CA GLU A 215 5.79 19.66 -23.04
C GLU A 215 6.07 21.16 -23.10
N MET A 216 5.70 21.94 -22.09
CA MET A 216 6.06 23.38 -22.06
C MET A 216 7.58 23.51 -21.93
N ILE A 217 8.23 22.71 -21.06
CA ILE A 217 9.70 22.79 -20.86
C ILE A 217 10.34 22.61 -22.24
N ALA A 218 10.04 21.50 -22.93
CA ALA A 218 10.55 21.18 -24.30
C ALA A 218 10.52 22.44 -25.17
N LEU A 219 9.35 23.08 -25.32
CA LEU A 219 9.20 24.31 -26.12
C LEU A 219 10.30 25.31 -25.72
N LEU A 220 10.44 25.60 -24.42
CA LEU A 220 11.38 26.64 -23.93
C LEU A 220 12.83 26.29 -24.31
N GLN A 221 13.25 25.03 -24.12
CA GLN A 221 14.62 24.54 -24.48
C GLN A 221 14.90 24.83 -25.96
N ARG A 222 13.98 24.45 -26.86
CA ARG A 222 14.09 24.69 -28.32
C ARG A 222 14.12 26.19 -28.60
N GLN A 223 13.09 26.93 -28.18
CA GLN A 223 12.99 28.41 -28.35
C GLN A 223 14.25 29.10 -27.80
N SER A 224 15.00 28.46 -26.90
CA SER A 224 16.33 28.94 -26.40
C SER A 224 17.39 28.79 -27.51
N VAL A 225 17.75 27.56 -27.89
CA VAL A 225 18.82 27.25 -28.88
C VAL A 225 18.36 27.73 -30.27
N HIS B 10 -36.84 -21.31 -8.87
CA HIS B 10 -37.57 -20.82 -7.66
C HIS B 10 -36.92 -19.53 -7.12
N ILE B 11 -35.58 -19.45 -7.10
CA ILE B 11 -34.82 -18.31 -6.51
C ILE B 11 -35.38 -17.00 -7.09
N SER B 12 -35.53 -16.95 -8.42
CA SER B 12 -36.18 -15.85 -9.19
C SER B 12 -37.38 -15.30 -8.43
N ASP B 13 -38.26 -16.18 -7.93
CA ASP B 13 -39.49 -15.80 -7.18
C ASP B 13 -39.10 -14.90 -6.00
N LEU B 14 -38.13 -15.29 -5.16
CA LEU B 14 -37.76 -14.53 -3.93
C LEU B 14 -37.41 -13.08 -4.30
N ILE B 15 -36.45 -12.87 -5.20
CA ILE B 15 -36.02 -11.51 -5.65
C ILE B 15 -37.27 -10.69 -6.05
N LEU B 16 -38.25 -11.31 -6.71
CA LEU B 16 -39.48 -10.62 -7.19
C LEU B 16 -40.31 -10.13 -5.99
N GLN B 17 -40.40 -10.91 -4.89
CA GLN B 17 -41.29 -10.63 -3.73
C GLN B 17 -40.41 -10.30 -2.51
N ALA B 18 -39.85 -9.08 -2.47
CA ALA B 18 -38.98 -8.57 -1.38
C ALA B 18 -39.28 -7.10 -1.09
N SER B 19 -38.79 -6.61 0.05
CA SER B 19 -38.85 -5.19 0.48
C SER B 19 -38.30 -4.30 -0.62
N PRO B 20 -38.92 -3.12 -0.90
CA PRO B 20 -38.40 -2.21 -1.92
C PRO B 20 -36.90 -1.95 -1.82
N VAL B 21 -36.37 -1.81 -0.61
CA VAL B 21 -34.95 -1.45 -0.34
C VAL B 21 -34.05 -2.58 -0.82
N VAL B 22 -34.33 -3.82 -0.41
CA VAL B 22 -33.46 -4.96 -0.79
C VAL B 22 -33.51 -5.08 -2.31
N GLN B 23 -34.66 -4.84 -2.94
CA GLN B 23 -34.78 -4.93 -4.42
C GLN B 23 -33.86 -3.89 -5.07
N LEU B 24 -33.82 -2.65 -4.56
CA LEU B 24 -32.91 -1.60 -5.11
C LEU B 24 -31.45 -2.04 -4.90
N VAL B 25 -31.09 -2.57 -3.73
CA VAL B 25 -29.71 -3.12 -3.51
C VAL B 25 -29.47 -4.15 -4.61
N MET B 26 -30.41 -5.05 -4.87
CA MET B 26 -30.20 -6.12 -5.86
C MET B 26 -30.11 -5.55 -7.29
N LEU B 27 -30.74 -4.42 -7.61
CA LEU B 27 -30.54 -3.82 -8.95
C LEU B 27 -29.18 -3.13 -9.02
N ILE B 28 -28.85 -2.32 -8.01
CA ILE B 28 -27.52 -1.64 -7.95
C ILE B 28 -26.43 -2.69 -8.18
N LEU B 29 -26.63 -3.92 -7.73
CA LEU B 29 -25.56 -4.95 -7.73
C LEU B 29 -25.60 -5.73 -9.04
N LEU B 30 -26.78 -6.04 -9.57
CA LEU B 30 -26.85 -6.75 -10.88
C LEU B 30 -26.37 -5.80 -11.97
N LEU B 31 -26.60 -4.51 -11.85
CA LEU B 31 -26.00 -3.55 -12.80
C LEU B 31 -24.49 -3.52 -12.61
N ALA B 32 -23.97 -3.49 -11.39
CA ALA B 32 -22.50 -3.51 -11.17
C ALA B 32 -21.94 -4.75 -11.84
N SER B 33 -22.60 -5.90 -11.65
CA SER B 33 -22.20 -7.18 -12.27
C SER B 33 -22.10 -6.96 -13.77
N ILE B 34 -23.17 -6.50 -14.36
CA ILE B 34 -23.23 -6.35 -15.84
C ILE B 34 -22.16 -5.36 -16.29
N PHE B 35 -22.00 -4.22 -15.63
CA PHE B 35 -20.96 -3.25 -16.04
C PHE B 35 -19.57 -3.86 -15.88
N SER B 36 -19.28 -4.52 -14.75
CA SER B 36 -18.03 -5.29 -14.55
C SER B 36 -17.74 -6.05 -15.84
N TRP B 37 -18.70 -6.89 -16.24
CA TRP B 37 -18.49 -7.79 -17.39
C TRP B 37 -18.23 -7.00 -18.66
N TYR B 38 -18.89 -5.87 -18.88
CA TYR B 38 -18.63 -5.04 -20.08
C TYR B 38 -17.20 -4.54 -20.02
N LEU B 39 -16.77 -3.95 -18.90
CA LEU B 39 -15.37 -3.49 -18.72
C LEU B 39 -14.38 -4.64 -18.91
N ILE B 40 -14.71 -5.83 -18.44
CA ILE B 40 -13.74 -6.95 -18.47
C ILE B 40 -13.59 -7.37 -19.92
N ALA B 41 -14.60 -7.17 -20.76
CA ALA B 41 -14.50 -7.40 -22.22
C ALA B 41 -13.70 -6.26 -22.85
N LYS B 42 -13.99 -5.00 -22.52
CA LYS B 42 -13.24 -3.86 -23.12
C LYS B 42 -11.77 -3.98 -22.76
N LEU B 43 -11.42 -4.18 -21.50
CA LEU B 43 -10.01 -4.24 -21.05
C LEU B 43 -9.33 -5.41 -21.74
N HIS B 44 -10.01 -6.54 -21.93
CA HIS B 44 -9.40 -7.72 -22.58
C HIS B 44 -9.08 -7.43 -24.05
N MET B 45 -9.96 -6.76 -24.77
CA MET B 45 -9.69 -6.38 -26.17
C MET B 45 -8.51 -5.42 -26.20
N SER B 46 -8.55 -4.35 -25.41
CA SER B 46 -7.53 -3.28 -25.37
C SER B 46 -6.14 -3.87 -25.14
N TYR B 47 -6.01 -4.79 -24.18
CA TYR B 47 -4.69 -5.31 -23.79
C TYR B 47 -4.29 -6.44 -24.73
N LYS B 48 -5.16 -6.95 -25.59
CA LYS B 48 -4.69 -7.96 -26.59
C LYS B 48 -4.20 -7.19 -27.82
N LYS B 49 -4.89 -6.14 -28.25
CA LYS B 49 -4.41 -5.28 -29.37
C LYS B 49 -3.04 -4.72 -28.99
N ALA B 50 -2.89 -4.16 -27.79
CA ALA B 50 -1.61 -3.61 -27.27
C ALA B 50 -0.50 -4.65 -27.41
N ARG B 51 -0.68 -5.82 -26.80
CA ARG B 51 0.37 -6.87 -26.77
C ARG B 51 0.73 -7.25 -28.21
N GLN B 52 -0.27 -7.36 -29.10
CA GLN B 52 -0.08 -7.80 -30.51
C GLN B 52 0.74 -6.77 -31.27
N ASP B 53 0.35 -5.50 -31.22
CA ASP B 53 1.02 -4.43 -32.01
C ASP B 53 2.43 -4.20 -31.45
N ASP B 54 2.61 -4.24 -30.13
CA ASP B 54 3.95 -4.11 -29.50
C ASP B 54 4.89 -5.16 -30.08
N GLU B 55 4.49 -6.44 -30.14
CA GLU B 55 5.34 -7.52 -30.68
C GLU B 55 5.66 -7.23 -32.16
N HIS B 56 4.66 -6.81 -32.95
CA HIS B 56 4.83 -6.53 -34.39
C HIS B 56 5.91 -5.47 -34.59
N PHE B 57 5.71 -4.27 -34.03
CA PHE B 57 6.66 -3.14 -34.11
C PHE B 57 8.01 -3.55 -33.56
N GLN B 58 8.03 -4.04 -32.32
CA GLN B 58 9.27 -4.39 -31.59
C GLN B 58 10.10 -5.32 -32.48
N LYS B 59 9.49 -6.38 -33.03
CA LYS B 59 10.13 -7.30 -34.01
C LYS B 59 10.74 -6.47 -35.16
N MET B 60 9.91 -5.67 -35.83
CA MET B 60 10.30 -4.91 -37.06
C MET B 60 11.45 -3.93 -36.75
N PHE B 61 11.42 -3.26 -35.60
CA PHE B 61 12.46 -2.31 -35.13
C PHE B 61 13.79 -3.04 -34.95
N TRP B 62 13.80 -4.14 -34.21
CA TRP B 62 15.02 -4.96 -33.96
C TRP B 62 15.35 -5.80 -35.20
N SER B 63 14.48 -5.81 -36.22
CA SER B 63 14.82 -6.26 -37.60
C SER B 63 15.80 -5.27 -38.25
N GLY B 64 16.44 -5.69 -39.34
CA GLY B 64 17.60 -5.00 -39.97
C GLY B 64 17.34 -3.54 -40.28
N ALA B 65 16.17 -3.21 -40.84
CA ALA B 65 15.80 -1.89 -41.38
C ALA B 65 16.21 -0.76 -40.41
N GLU B 66 16.83 0.30 -40.95
CA GLU B 66 17.37 1.48 -40.19
C GLU B 66 16.22 2.29 -39.56
N LEU B 67 16.55 3.11 -38.55
CA LEU B 67 15.62 4.05 -37.88
C LEU B 67 14.88 4.89 -38.94
N ASN B 68 15.62 5.55 -39.85
CA ASN B 68 15.05 6.46 -40.87
C ASN B 68 13.93 5.71 -41.61
N THR B 69 14.22 4.53 -42.18
CA THR B 69 13.24 3.65 -42.86
C THR B 69 11.97 3.55 -41.99
N LEU B 70 12.10 3.04 -40.77
CA LEU B 70 10.98 2.84 -39.82
C LEU B 70 10.22 4.16 -39.69
N TYR B 71 10.90 5.27 -39.37
CA TYR B 71 10.27 6.60 -39.21
C TYR B 71 9.41 6.93 -40.44
N ASN B 72 9.91 6.65 -41.65
CA ASN B 72 9.19 6.93 -42.92
C ASN B 72 7.81 6.28 -42.83
N ASN B 73 7.78 4.97 -42.59
CA ASN B 73 6.55 4.12 -42.61
C ASN B 73 5.54 4.70 -41.62
N ALA B 74 5.95 4.88 -40.35
CA ALA B 74 5.13 5.42 -39.25
C ALA B 74 4.46 6.73 -39.68
N GLN B 75 5.25 7.68 -40.21
CA GLN B 75 4.73 8.98 -40.73
C GLN B 75 3.64 8.71 -41.77
N LEU B 76 3.84 7.71 -42.65
CA LEU B 76 2.87 7.33 -43.72
C LEU B 76 1.57 6.83 -43.08
N ASN B 77 1.66 5.92 -42.10
CA ASN B 77 0.48 5.28 -41.45
C ASN B 77 -0.31 6.34 -40.67
N SER B 78 -1.64 6.38 -40.86
CA SER B 78 -2.60 7.22 -40.10
C SER B 78 -3.20 6.42 -38.93
N LYS B 79 -2.92 5.12 -38.86
CA LYS B 79 -3.38 4.19 -37.79
C LYS B 79 -2.30 3.98 -36.73
N ARG B 80 -1.27 4.83 -36.68
CA ARG B 80 -0.23 4.85 -35.61
C ARG B 80 -0.91 4.68 -34.25
N SER B 81 -0.53 3.64 -33.50
CA SER B 81 -1.06 3.31 -32.16
C SER B 81 0.04 2.64 -31.33
N GLY B 82 0.07 2.91 -30.02
CA GLY B 82 0.94 2.22 -29.05
C GLY B 82 2.40 2.55 -29.30
N LEU B 83 3.29 1.56 -29.25
CA LEU B 83 4.75 1.79 -29.44
C LEU B 83 4.97 2.60 -30.72
N GLU B 84 4.35 2.21 -31.84
CA GLU B 84 4.61 2.90 -33.14
C GLU B 84 4.38 4.42 -32.98
N ASP B 85 3.32 4.87 -32.31
CA ASP B 85 3.09 6.32 -32.09
C ASP B 85 4.10 6.85 -31.07
N ILE B 86 4.43 6.09 -30.03
CA ILE B 86 5.39 6.56 -28.98
C ILE B 86 6.75 6.77 -29.64
N PHE B 87 7.14 5.88 -30.56
CA PHE B 87 8.37 5.98 -31.40
C PHE B 87 8.29 7.21 -32.31
N TYR B 88 7.21 7.37 -33.07
CA TYR B 88 7.09 8.52 -34.01
C TYR B 88 7.26 9.82 -33.22
N GLN B 89 6.60 9.96 -32.08
CA GLN B 89 6.63 11.21 -31.26
C GLN B 89 8.06 11.41 -30.73
N GLY B 90 8.73 10.31 -30.33
CA GLY B 90 10.12 10.32 -29.86
C GLY B 90 11.07 10.84 -30.92
N LEU B 91 11.18 10.14 -32.06
CA LEU B 91 12.12 10.51 -33.16
C LEU B 91 11.72 11.87 -33.74
N SER B 92 10.43 12.16 -33.88
CA SER B 92 9.94 13.48 -34.37
C SER B 92 10.68 14.57 -33.59
N GLU B 93 10.77 14.44 -32.27
CA GLU B 93 11.52 15.41 -31.40
C GLU B 93 12.98 15.42 -31.84
N PHE B 94 13.61 14.24 -31.91
CA PHE B 94 15.06 14.05 -32.23
C PHE B 94 15.39 14.71 -33.58
N PHE B 95 14.62 14.42 -34.63
CA PHE B 95 14.81 15.02 -35.97
C PHE B 95 14.59 16.54 -35.90
N LYS B 96 13.57 16.98 -35.17
CA LYS B 96 13.22 18.42 -35.03
C LYS B 96 14.37 19.18 -34.34
N LEU B 97 15.07 18.55 -33.39
CA LEU B 97 16.23 19.16 -32.69
C LEU B 97 17.45 19.20 -33.62
N LYS B 98 17.88 18.05 -34.15
CA LYS B 98 19.09 17.92 -35.01
C LYS B 98 19.09 19.04 -36.06
N LYS B 99 17.94 19.28 -36.71
CA LYS B 99 17.75 20.36 -37.71
C LYS B 99 18.12 21.73 -37.12
N ARG B 100 17.91 21.94 -35.82
CA ARG B 100 18.34 23.15 -35.07
C ARG B 100 19.75 22.96 -34.46
N GLN B 101 20.61 22.15 -35.11
CA GLN B 101 22.05 21.95 -34.77
C GLN B 101 22.27 22.15 -33.26
N ALA B 102 21.62 21.32 -32.45
CA ALA B 102 21.76 21.28 -30.98
C ALA B 102 22.79 20.21 -30.61
N PRO B 103 23.32 20.21 -29.36
CA PRO B 103 24.31 19.20 -28.95
C PRO B 103 23.66 17.84 -28.73
N THR B 104 24.30 16.77 -29.21
CA THR B 104 23.85 15.35 -29.07
C THR B 104 23.22 15.15 -27.69
N SER B 105 23.97 15.42 -26.64
CA SER B 105 23.55 15.35 -25.20
C SER B 105 22.11 15.86 -25.06
N GLN B 106 21.83 17.06 -25.57
CA GLN B 106 20.49 17.69 -25.56
C GLN B 106 19.53 16.87 -26.41
N MET B 107 19.90 16.54 -27.66
CA MET B 107 19.05 15.78 -28.62
C MET B 107 18.50 14.53 -27.92
N ILE B 108 19.36 13.74 -27.29
CA ILE B 108 18.95 12.48 -26.57
C ILE B 108 18.03 12.87 -25.41
N GLU B 109 18.45 13.77 -24.52
CA GLU B 109 17.66 14.18 -23.33
C GLU B 109 16.24 14.55 -23.79
N GLY B 110 16.14 15.45 -24.79
CA GLY B 110 14.87 15.86 -25.43
C GLY B 110 14.03 14.66 -25.85
N THR B 111 14.55 13.81 -26.74
CA THR B 111 13.82 12.65 -27.30
C THR B 111 13.40 11.67 -26.20
N GLU B 112 14.12 11.65 -25.07
CA GLU B 112 13.88 10.74 -23.92
C GLU B 112 12.79 11.33 -23.01
N ARG B 113 12.52 12.64 -23.08
CA ARG B 113 11.43 13.30 -22.32
C ARG B 113 10.12 13.08 -23.09
N ILE B 114 10.14 13.25 -24.41
CA ILE B 114 8.89 13.25 -25.23
C ILE B 114 8.45 11.82 -25.51
N LEU B 115 9.21 10.80 -25.07
CA LEU B 115 8.71 9.40 -25.09
C LEU B 115 8.60 8.82 -23.68
N ARG B 116 8.83 9.59 -22.62
CA ARG B 116 8.24 9.33 -21.28
C ARG B 116 6.87 10.00 -21.19
N VAL B 117 6.60 10.94 -22.12
CA VAL B 117 5.33 11.70 -22.30
C VAL B 117 4.57 11.04 -23.46
N GLY B 118 4.91 9.79 -23.76
CA GLY B 118 4.18 8.94 -24.70
C GLY B 118 3.86 7.59 -24.09
N LEU B 119 4.75 7.06 -23.24
CA LEU B 119 4.54 5.78 -22.51
C LEU B 119 3.65 6.01 -21.30
N SER B 120 3.30 7.26 -20.98
CA SER B 120 2.47 7.62 -19.82
C SER B 120 1.13 8.18 -20.28
N ARG B 121 1.05 8.63 -21.53
CA ARG B 121 -0.18 9.17 -22.14
C ARG B 121 -0.80 8.07 -23.01
N ASP B 122 -0.29 6.85 -22.94
CA ASP B 122 -0.95 5.67 -23.58
C ASP B 122 -1.15 4.56 -22.56
N GLN B 123 -0.48 4.61 -21.41
CA GLN B 123 -0.82 3.72 -20.27
C GLN B 123 -2.24 4.08 -19.83
N GLY B 124 -2.47 5.36 -19.58
CA GLY B 124 -3.77 5.94 -19.20
C GLY B 124 -4.93 5.52 -20.09
N SER B 125 -4.68 5.18 -21.36
CA SER B 125 -5.74 4.90 -22.36
C SER B 125 -5.91 3.39 -22.57
N LEU B 126 -5.02 2.57 -21.99
CA LEU B 126 -5.17 1.09 -21.96
C LEU B 126 -5.98 0.73 -20.72
N GLU B 127 -5.62 1.34 -19.59
CA GLU B 127 -6.26 1.15 -18.27
C GLU B 127 -7.59 1.91 -18.23
N TYR B 128 -8.49 1.68 -19.20
CA TYR B 128 -9.66 2.57 -19.44
C TYR B 128 -10.57 2.54 -18.22
N GLY B 129 -10.97 1.32 -17.81
CA GLY B 129 -11.97 1.08 -16.76
C GLY B 129 -11.38 0.40 -15.55
N LEU B 130 -10.07 0.29 -15.49
CA LEU B 130 -9.44 -0.65 -14.55
C LEU B 130 -9.72 -0.17 -13.12
N GLY B 131 -9.95 1.12 -12.93
CA GLY B 131 -10.17 1.68 -11.59
C GLY B 131 -11.59 1.41 -11.11
N THR B 132 -12.56 1.47 -12.02
CA THR B 132 -13.97 1.08 -11.77
C THR B 132 -14.06 -0.36 -11.24
N LEU B 133 -13.50 -1.32 -11.95
CA LEU B 133 -13.42 -2.70 -11.47
C LEU B 133 -12.87 -2.74 -10.04
N ALA B 134 -11.98 -1.84 -9.65
CA ALA B 134 -11.44 -1.89 -8.29
C ALA B 134 -12.55 -1.50 -7.32
N SER B 135 -13.30 -0.43 -7.63
CA SER B 135 -14.46 0.03 -6.85
C SER B 135 -15.51 -1.09 -6.80
N ILE B 136 -16.18 -1.38 -7.92
CA ILE B 136 -17.15 -2.52 -7.99
C ILE B 136 -16.63 -3.64 -7.08
N GLY B 137 -15.38 -4.01 -7.20
CA GLY B 137 -14.88 -5.16 -6.47
C GLY B 137 -14.82 -4.96 -4.98
N SER B 138 -14.61 -3.74 -4.52
CA SER B 138 -14.34 -3.46 -3.09
C SER B 138 -15.67 -3.13 -2.39
N VAL B 139 -16.40 -2.15 -2.93
CA VAL B 139 -17.72 -1.72 -2.41
C VAL B 139 -18.77 -2.83 -2.53
N ALA B 140 -18.95 -3.46 -3.67
CA ALA B 140 -20.14 -4.29 -3.99
C ALA B 140 -20.40 -5.31 -2.92
N PRO B 141 -19.36 -5.96 -2.33
CA PRO B 141 -19.60 -6.90 -1.23
C PRO B 141 -20.44 -6.24 -0.13
N TYR B 142 -20.10 -4.99 0.22
CA TYR B 142 -20.69 -4.23 1.36
C TYR B 142 -22.02 -3.58 0.99
N ILE B 143 -22.28 -3.26 -0.27
CA ILE B 143 -23.67 -2.94 -0.74
C ILE B 143 -24.57 -4.15 -0.47
N GLY B 144 -24.07 -5.34 -0.81
CA GLY B 144 -24.79 -6.58 -0.56
C GLY B 144 -25.08 -6.70 0.91
N LEU B 145 -24.06 -6.53 1.74
CA LEU B 145 -24.17 -6.67 3.22
C LEU B 145 -25.22 -5.71 3.75
N PHE B 146 -25.27 -4.49 3.24
CA PHE B 146 -26.32 -3.52 3.62
C PHE B 146 -27.68 -4.13 3.30
N GLY B 147 -27.84 -4.71 2.13
CA GLY B 147 -29.08 -5.43 1.78
C GLY B 147 -29.37 -6.53 2.77
N THR B 148 -28.37 -7.30 3.14
CA THR B 148 -28.53 -8.42 4.10
C THR B 148 -29.07 -7.84 5.41
N VAL B 149 -28.40 -6.85 5.97
CA VAL B 149 -28.78 -6.25 7.27
C VAL B 149 -30.20 -5.69 7.14
N TRP B 150 -30.52 -4.91 6.12
CA TRP B 150 -31.91 -4.45 5.94
C TRP B 150 -32.87 -5.62 5.97
N GLY B 151 -32.47 -6.76 5.40
CA GLY B 151 -33.32 -7.95 5.32
C GLY B 151 -33.53 -8.61 6.67
N ILE B 152 -32.45 -8.85 7.41
CA ILE B 152 -32.52 -9.49 8.75
C ILE B 152 -33.30 -8.56 9.70
N MET B 153 -33.36 -7.27 9.39
CA MET B 153 -33.96 -6.20 10.22
C MET B 153 -35.37 -5.88 9.72
N ASN B 154 -35.85 -6.53 8.66
CA ASN B 154 -37.30 -6.50 8.27
C ASN B 154 -37.87 -7.90 8.47
N ALA B 155 -37.11 -8.76 9.14
CA ALA B 155 -37.61 -9.97 9.82
C ALA B 155 -37.98 -9.56 11.24
N PHE B 156 -36.98 -9.30 12.06
CA PHE B 156 -37.11 -9.13 13.53
C PHE B 156 -38.15 -8.03 13.81
N ILE B 157 -38.08 -6.90 13.11
CA ILE B 157 -39.12 -5.83 13.18
C ILE B 157 -40.49 -6.46 12.89
N GLY B 158 -40.59 -7.40 11.95
CA GLY B 158 -41.82 -8.15 11.64
C GLY B 158 -42.19 -9.16 12.71
N LEU B 159 -41.22 -9.94 13.21
CA LEU B 159 -41.39 -11.06 14.18
C LEU B 159 -42.25 -10.61 15.38
N ALA B 160 -41.93 -9.45 15.97
CA ALA B 160 -42.62 -8.88 17.14
C ALA B 160 -44.15 -8.96 16.98
N ALA B 161 -44.65 -8.55 15.81
CA ALA B 161 -46.10 -8.37 15.50
C ALA B 161 -46.86 -9.69 15.64
N VAL B 162 -46.33 -10.80 15.13
CA VAL B 162 -47.06 -12.10 14.99
C VAL B 162 -47.35 -12.69 16.39
N ASP B 163 -48.44 -13.47 16.48
CA ASP B 163 -48.86 -14.22 17.70
C ASP B 163 -47.77 -15.23 18.08
N GLN B 164 -47.23 -15.97 17.11
CA GLN B 164 -46.33 -17.14 17.35
C GLN B 164 -45.04 -17.01 16.52
N VAL B 165 -43.90 -17.10 17.20
CA VAL B 165 -42.53 -16.99 16.61
C VAL B 165 -42.06 -18.39 16.17
N THR B 166 -42.76 -18.99 15.21
CA THR B 166 -42.29 -20.20 14.49
C THR B 166 -41.06 -19.78 13.67
N LEU B 167 -39.99 -20.57 13.68
CA LEU B 167 -38.80 -20.34 12.81
C LEU B 167 -39.34 -20.08 11.39
N ALA B 168 -40.23 -20.97 10.91
CA ALA B 168 -40.96 -20.88 9.62
C ALA B 168 -41.52 -19.47 9.35
N THR B 169 -41.88 -18.70 10.37
CA THR B 169 -42.35 -17.29 10.22
C THR B 169 -41.22 -16.42 9.64
N VAL B 170 -40.04 -16.45 10.28
CA VAL B 170 -38.89 -15.54 9.97
C VAL B 170 -38.20 -16.01 8.66
N ALA B 171 -37.99 -17.31 8.49
CA ALA B 171 -37.08 -17.94 7.50
C ALA B 171 -37.30 -17.38 6.10
N PRO B 172 -38.54 -17.22 5.59
CA PRO B 172 -38.75 -16.62 4.27
C PRO B 172 -38.11 -15.23 4.15
N GLY B 173 -38.04 -14.48 5.25
CA GLY B 173 -37.41 -13.15 5.34
C GLY B 173 -35.89 -13.21 5.48
N ILE B 174 -35.34 -14.22 6.17
CA ILE B 174 -33.87 -14.41 6.34
C ILE B 174 -33.25 -14.74 4.98
N ALA B 175 -33.86 -15.62 4.20
CA ALA B 175 -33.42 -15.97 2.83
C ALA B 175 -33.19 -14.69 2.01
N GLU B 176 -34.24 -13.88 1.84
CA GLU B 176 -34.22 -12.65 1.01
C GLU B 176 -33.11 -11.69 1.46
N ALA B 177 -32.58 -11.84 2.68
CA ALA B 177 -31.33 -11.18 3.12
C ALA B 177 -30.11 -11.81 2.46
N LEU B 178 -29.92 -13.12 2.66
CA LEU B 178 -28.74 -13.86 2.14
C LEU B 178 -28.66 -13.70 0.63
N ILE B 179 -29.79 -13.69 -0.07
CA ILE B 179 -29.75 -13.49 -1.53
C ILE B 179 -28.93 -12.24 -1.82
N ALA B 180 -29.20 -11.13 -1.15
CA ALA B 180 -28.51 -9.85 -1.38
C ALA B 180 -27.01 -10.01 -1.11
N THR B 181 -26.57 -10.64 -0.02
CA THR B 181 -25.11 -10.80 0.21
C THR B 181 -24.48 -11.72 -0.84
N ALA B 182 -25.19 -12.76 -1.29
CA ALA B 182 -24.72 -13.65 -2.38
C ALA B 182 -24.54 -12.81 -3.66
N ILE B 183 -25.56 -12.08 -4.10
CA ILE B 183 -25.47 -11.20 -5.30
C ILE B 183 -24.30 -10.24 -5.08
N GLY B 184 -24.11 -9.76 -3.85
CA GLY B 184 -23.01 -8.84 -3.52
C GLY B 184 -21.65 -9.42 -3.82
N LEU B 185 -21.42 -10.66 -3.38
CA LEU B 185 -20.19 -11.47 -3.63
C LEU B 185 -20.07 -11.82 -5.11
N PHE B 186 -21.17 -11.96 -5.84
CA PHE B 186 -21.13 -12.38 -7.26
C PHE B 186 -20.82 -11.19 -8.17
N ALA B 187 -21.09 -9.96 -7.73
CA ALA B 187 -20.71 -8.71 -8.46
C ALA B 187 -19.21 -8.47 -8.27
N ALA B 188 -18.71 -8.83 -7.09
CA ALA B 188 -17.43 -8.37 -6.54
C ALA B 188 -16.29 -9.31 -6.89
N ILE B 189 -16.57 -10.59 -7.15
CA ILE B 189 -15.50 -11.61 -7.33
C ILE B 189 -14.95 -11.48 -8.74
N PRO B 190 -15.79 -11.47 -9.79
CA PRO B 190 -15.31 -11.26 -11.15
C PRO B 190 -14.55 -9.95 -11.36
N ALA B 191 -14.73 -8.96 -10.49
CA ALA B 191 -14.14 -7.62 -10.61
C ALA B 191 -12.94 -7.47 -9.67
N VAL B 192 -12.58 -8.48 -8.88
CA VAL B 192 -11.26 -8.50 -8.18
C VAL B 192 -10.40 -9.63 -8.71
N LEU B 193 -10.88 -10.33 -9.72
CA LEU B 193 -10.07 -11.24 -10.56
C LEU B 193 -9.90 -10.60 -11.93
N ALA B 194 -10.10 -9.30 -12.04
CA ALA B 194 -9.85 -8.59 -13.30
C ALA B 194 -9.24 -7.23 -12.98
N PHE B 195 -9.50 -6.66 -11.80
CA PHE B 195 -8.60 -5.61 -11.30
C PHE B 195 -7.31 -6.24 -10.83
N ASN B 196 -7.17 -7.55 -10.87
CA ASN B 196 -5.90 -8.19 -10.50
C ASN B 196 -5.17 -8.61 -11.76
N HIS B 197 -5.90 -9.06 -12.76
CA HIS B 197 -5.36 -9.68 -13.99
C HIS B 197 -4.98 -8.62 -15.01
N PHE B 198 -5.64 -7.48 -15.00
CA PHE B 198 -5.40 -6.39 -15.97
C PHE B 198 -4.47 -5.36 -15.33
N THR B 199 -4.44 -5.24 -14.01
CA THR B 199 -3.38 -4.43 -13.35
C THR B 199 -2.03 -5.08 -13.66
N ALA B 200 -1.96 -6.40 -13.61
CA ALA B 200 -0.78 -7.19 -14.03
C ALA B 200 -0.47 -6.95 -15.51
N LYS B 201 -1.43 -7.18 -16.40
CA LYS B 201 -1.21 -7.00 -17.85
C LYS B 201 -0.81 -5.55 -18.13
N SER B 202 -1.27 -4.60 -17.32
CA SER B 202 -0.95 -3.17 -17.53
C SER B 202 0.52 -2.95 -17.21
N GLU B 203 1.02 -3.53 -16.12
CA GLU B 203 2.42 -3.34 -15.68
C GLU B 203 3.36 -4.05 -16.66
N SER B 204 2.97 -5.23 -17.15
CA SER B 204 3.67 -5.95 -18.24
C SER B 204 3.85 -5.02 -19.44
N VAL B 205 2.78 -4.43 -19.95
CA VAL B 205 2.82 -3.60 -21.18
C VAL B 205 3.65 -2.35 -20.89
N TYR B 206 3.52 -1.74 -19.72
CA TYR B 206 4.33 -0.54 -19.40
C TYR B 206 5.79 -0.95 -19.45
N SER B 207 6.14 -2.01 -18.73
CA SER B 207 7.55 -2.49 -18.64
C SER B 207 8.08 -2.83 -20.03
N ASP B 208 7.37 -3.64 -20.80
CA ASP B 208 7.76 -4.00 -22.19
C ASP B 208 8.08 -2.72 -22.96
N ARG B 209 7.21 -1.72 -22.93
CA ARG B 209 7.37 -0.48 -23.72
C ARG B 209 8.47 0.39 -23.11
N ALA B 210 8.58 0.44 -21.79
CA ALA B 210 9.61 1.22 -21.07
C ALA B 210 11.00 0.72 -21.44
N LEU B 211 11.18 -0.61 -21.39
CA LEU B 211 12.48 -1.26 -21.72
C LEU B 211 12.76 -1.10 -23.20
N PHE B 212 11.75 -1.12 -24.06
CA PHE B 212 11.94 -0.80 -25.50
C PHE B 212 12.40 0.65 -25.64
N ALA B 213 11.85 1.56 -24.86
CA ALA B 213 12.23 2.99 -24.93
C ALA B 213 13.71 3.12 -24.58
N GLU B 214 14.13 2.50 -23.47
CA GLU B 214 15.55 2.50 -23.01
C GLU B 214 16.43 1.98 -24.14
N GLU B 215 16.10 0.82 -24.71
CA GLU B 215 16.92 0.19 -25.78
C GLU B 215 16.92 1.08 -27.03
N MET B 216 15.82 1.78 -27.35
CA MET B 216 15.83 2.71 -28.51
C MET B 216 16.78 3.88 -28.19
N ILE B 217 16.75 4.42 -26.97
CA ILE B 217 17.64 5.55 -26.59
C ILE B 217 19.08 5.12 -26.88
N ALA B 218 19.53 3.99 -26.31
CA ALA B 218 20.88 3.42 -26.50
C ALA B 218 21.26 3.50 -27.99
N LEU B 219 20.45 2.93 -28.89
CA LEU B 219 20.70 2.97 -30.35
C LEU B 219 21.03 4.41 -30.76
N LEU B 220 20.18 5.38 -30.41
CA LEU B 220 20.32 6.79 -30.87
C LEU B 220 21.66 7.37 -30.38
N GLN B 221 22.03 7.17 -29.11
CA GLN B 221 23.32 7.65 -28.53
C GLN B 221 24.50 7.13 -29.36
N ARG B 222 24.54 5.83 -29.64
CA ARG B 222 25.60 5.18 -30.47
C ARG B 222 25.56 5.77 -31.89
N GLN B 223 24.43 5.66 -32.58
CA GLN B 223 24.25 6.21 -33.96
C GLN B 223 24.63 7.69 -34.02
N SER B 224 24.64 8.40 -32.87
CA SER B 224 25.14 9.80 -32.76
C SER B 224 26.68 9.82 -32.87
N VAL B 225 27.39 9.26 -31.88
CA VAL B 225 28.88 9.28 -31.79
C VAL B 225 29.45 8.41 -32.94
N HIS C 10 -16.19 -39.95 5.65
CA HIS C 10 -17.62 -39.51 5.60
C HIS C 10 -17.75 -38.16 4.88
N ILE C 11 -16.84 -37.22 5.13
CA ILE C 11 -16.89 -35.83 4.59
C ILE C 11 -17.10 -35.91 3.07
N SER C 12 -16.29 -36.74 2.40
CA SER C 12 -16.38 -37.09 0.95
C SER C 12 -17.85 -37.20 0.53
N ASP C 13 -18.66 -37.93 1.30
CA ASP C 13 -20.11 -38.14 1.01
C ASP C 13 -20.80 -36.79 0.84
N LEU C 14 -20.64 -35.85 1.79
CA LEU C 14 -21.36 -34.54 1.76
C LEU C 14 -21.10 -33.83 0.42
N ILE C 15 -19.84 -33.59 0.07
CA ILE C 15 -19.44 -32.91 -1.20
C ILE C 15 -20.16 -33.57 -2.37
N LEU C 16 -20.29 -34.90 -2.37
CA LEU C 16 -20.94 -35.68 -3.48
C LEU C 16 -22.42 -35.33 -3.56
N GLN C 17 -23.12 -35.13 -2.42
CA GLN C 17 -24.60 -34.94 -2.37
C GLN C 17 -24.89 -33.49 -1.91
N ALA C 18 -24.72 -32.52 -2.81
CA ALA C 18 -24.95 -31.08 -2.56
C ALA C 18 -25.60 -30.41 -3.78
N SER C 19 -26.13 -29.20 -3.57
CA SER C 19 -26.70 -28.31 -4.63
C SER C 19 -25.69 -28.16 -5.76
N PRO C 20 -26.12 -28.17 -7.05
CA PRO C 20 -25.20 -27.96 -8.16
C PRO C 20 -24.25 -26.77 -7.98
N VAL C 21 -24.76 -25.66 -7.44
CA VAL C 21 -24.00 -24.38 -7.29
C VAL C 21 -22.85 -24.59 -6.31
N VAL C 22 -23.14 -25.13 -5.12
CA VAL C 22 -22.08 -25.30 -4.10
C VAL C 22 -21.04 -26.26 -4.68
N GLN C 23 -21.44 -27.28 -5.43
CA GLN C 23 -20.49 -28.23 -6.04
C GLN C 23 -19.55 -27.50 -7.00
N LEU C 24 -20.07 -26.59 -7.84
CA LEU C 24 -19.23 -25.78 -8.78
C LEU C 24 -18.29 -24.89 -7.95
N VAL C 25 -18.76 -24.23 -6.89
CA VAL C 25 -17.86 -23.45 -5.99
C VAL C 25 -16.75 -24.40 -5.53
N MET C 26 -17.09 -25.61 -5.09
CA MET C 26 -16.08 -26.55 -4.55
C MET C 26 -15.12 -27.01 -5.65
N LEU C 27 -15.51 -27.09 -6.92
CA LEU C 27 -14.53 -27.43 -7.98
C LEU C 27 -13.65 -26.21 -8.29
N ILE C 28 -14.25 -25.05 -8.46
CA ILE C 28 -13.47 -23.79 -8.70
C ILE C 28 -12.38 -23.69 -7.63
N LEU C 29 -12.63 -24.15 -6.41
CA LEU C 29 -11.72 -23.93 -5.27
C LEU C 29 -10.72 -25.07 -5.20
N LEU C 30 -11.12 -26.31 -5.44
CA LEU C 30 -10.15 -27.43 -5.41
C LEU C 30 -9.21 -27.27 -6.61
N LEU C 31 -9.66 -26.75 -7.73
CA LEU C 31 -8.73 -26.43 -8.83
C LEU C 31 -7.80 -25.30 -8.41
N ALA C 32 -8.29 -24.24 -7.76
CA ALA C 32 -7.41 -23.13 -7.30
C ALA C 32 -6.36 -23.73 -6.39
N SER C 33 -6.77 -24.60 -5.47
CA SER C 33 -5.85 -25.30 -4.54
C SER C 33 -4.77 -25.98 -5.37
N ILE C 34 -5.19 -26.82 -6.29
CA ILE C 34 -4.22 -27.62 -7.09
C ILE C 34 -3.32 -26.68 -7.88
N PHE C 35 -3.85 -25.67 -8.54
CA PHE C 35 -2.99 -24.74 -9.31
C PHE C 35 -2.04 -23.99 -8.37
N SER C 36 -2.51 -23.47 -7.23
CA SER C 36 -1.65 -22.88 -6.18
C SER C 36 -0.43 -23.78 -6.02
N TRP C 37 -0.68 -25.05 -5.71
CA TRP C 37 0.41 -26.00 -5.38
C TRP C 37 1.35 -26.16 -6.57
N TYR C 38 0.86 -26.20 -7.80
CA TYR C 38 1.74 -26.32 -8.99
C TYR C 38 2.62 -25.07 -9.05
N LEU C 39 2.05 -23.87 -8.97
CA LEU C 39 2.83 -22.61 -8.94
C LEU C 39 3.83 -22.59 -7.79
N ILE C 40 3.47 -23.12 -6.63
CA ILE C 40 4.35 -23.02 -5.45
C ILE C 40 5.53 -23.93 -5.69
N ALA C 41 5.37 -24.99 -6.48
CA ALA C 41 6.49 -25.86 -6.90
C ALA C 41 7.31 -25.14 -7.97
N LYS C 42 6.67 -24.54 -8.98
CA LYS C 42 7.44 -23.84 -10.05
C LYS C 42 8.23 -22.70 -9.44
N LEU C 43 7.63 -21.85 -8.63
CA LEU C 43 8.31 -20.68 -8.03
C LEU C 43 9.45 -21.17 -7.17
N HIS C 44 9.30 -22.26 -6.43
CA HIS C 44 10.37 -22.79 -5.55
C HIS C 44 11.57 -23.27 -6.38
N MET C 45 11.35 -23.96 -7.49
CA MET C 45 12.45 -24.39 -8.37
C MET C 45 13.14 -23.15 -8.94
N SER C 46 12.39 -22.21 -9.51
CA SER C 46 12.90 -20.99 -10.18
C SER C 46 13.81 -20.21 -9.23
N TYR C 47 13.38 -20.02 -7.99
CA TYR C 47 14.12 -19.16 -7.04
C TYR C 47 15.24 -19.96 -6.38
N LYS C 48 15.31 -21.28 -6.53
CA LYS C 48 16.49 -22.01 -5.99
C LYS C 48 17.57 -22.01 -7.08
N LYS C 49 17.22 -22.22 -8.35
CA LYS C 49 18.19 -22.12 -9.46
C LYS C 49 18.79 -20.71 -9.45
N ALA C 50 17.97 -19.67 -9.37
CA ALA C 50 18.43 -18.26 -9.31
C ALA C 50 19.46 -18.08 -8.20
N ARG C 51 19.11 -18.41 -6.96
CA ARG C 51 19.99 -18.19 -5.80
C ARG C 51 21.30 -18.95 -6.02
N GLN C 52 21.25 -20.18 -6.56
CA GLN C 52 22.43 -21.06 -6.75
C GLN C 52 23.37 -20.44 -7.78
N ASP C 53 22.85 -20.06 -8.95
CA ASP C 53 23.69 -19.56 -10.07
C ASP C 53 24.26 -18.19 -9.68
N ASP C 54 23.47 -17.33 -9.01
CA ASP C 54 23.94 -16.01 -8.52
C ASP C 54 25.18 -16.21 -7.65
N GLU C 55 25.14 -17.13 -6.67
CA GLU C 55 26.30 -17.38 -5.77
C GLU C 55 27.50 -17.86 -6.60
N HIS C 56 27.28 -18.78 -7.54
CA HIS C 56 28.36 -19.35 -8.39
C HIS C 56 29.08 -18.23 -9.14
N PHE C 57 28.35 -17.47 -9.96
CA PHE C 57 28.89 -16.35 -10.76
C PHE C 57 29.52 -15.32 -9.82
N GLN C 58 28.75 -14.84 -8.86
CA GLN C 58 29.17 -13.76 -7.93
C GLN C 58 30.53 -14.15 -7.31
N LYS C 59 30.65 -15.37 -6.79
CA LYS C 59 31.93 -15.93 -6.28
C LYS C 59 33.02 -15.78 -7.36
N MET C 60 32.78 -16.33 -8.55
CA MET C 60 33.78 -16.40 -9.65
C MET C 60 34.22 -15.00 -10.08
N PHE C 61 33.28 -14.04 -10.16
CA PHE C 61 33.54 -12.63 -10.53
C PHE C 61 34.46 -11.97 -9.49
N TRP C 62 34.12 -12.08 -8.21
CA TRP C 62 34.94 -11.50 -7.11
C TRP C 62 36.17 -12.38 -6.84
N SER C 63 36.27 -13.55 -7.50
CA SER C 63 37.54 -14.32 -7.64
C SER C 63 38.52 -13.56 -8.55
N GLY C 64 39.80 -13.94 -8.51
CA GLY C 64 40.93 -13.19 -9.10
C GLY C 64 40.73 -12.84 -10.56
N ALA C 65 40.25 -13.79 -11.37
CA ALA C 65 40.15 -13.71 -12.85
C ALA C 65 39.58 -12.36 -13.31
N GLU C 66 40.22 -11.74 -14.30
CA GLU C 66 39.88 -10.39 -14.86
C GLU C 66 38.51 -10.42 -15.55
N LEU C 67 37.91 -9.23 -15.74
CA LEU C 67 36.64 -9.03 -16.49
C LEU C 67 36.72 -9.72 -17.85
N ASN C 68 37.76 -9.42 -18.64
CA ASN C 68 37.92 -9.95 -20.02
C ASN C 68 37.78 -11.49 -19.97
N THR C 69 38.57 -12.18 -19.14
CA THR C 69 38.50 -13.65 -18.91
C THR C 69 37.02 -14.06 -18.74
N LEU C 70 36.35 -13.51 -17.72
CA LEU C 70 34.93 -13.83 -17.40
C LEU C 70 34.09 -13.63 -18.68
N TYR C 71 34.18 -12.48 -19.33
CA TYR C 71 33.40 -12.16 -20.56
C TYR C 71 33.61 -13.28 -21.60
N ASN C 72 34.84 -13.76 -21.77
CA ASN C 72 35.18 -14.84 -22.75
C ASN C 72 34.25 -16.03 -22.47
N ASN C 73 34.28 -16.53 -21.24
CA ASN C 73 33.56 -17.77 -20.81
C ASN C 73 32.07 -17.62 -21.11
N ALA C 74 31.45 -16.54 -20.61
CA ALA C 74 30.02 -16.21 -20.79
C ALA C 74 29.64 -16.28 -22.27
N GLN C 75 30.40 -15.60 -23.14
CA GLN C 75 30.20 -15.62 -24.61
C GLN C 75 30.21 -17.07 -25.10
N LEU C 76 31.12 -17.90 -24.58
CA LEU C 76 31.24 -19.35 -24.96
C LEU C 76 29.97 -20.10 -24.54
N ASN C 77 29.50 -19.91 -23.31
CA ASN C 77 28.32 -20.65 -22.76
C ASN C 77 27.05 -20.23 -23.52
N SER C 78 26.25 -21.21 -23.95
CA SER C 78 24.91 -21.03 -24.58
C SER C 78 23.81 -21.15 -23.51
N LYS C 79 24.16 -21.55 -22.29
CA LYS C 79 23.25 -21.70 -21.13
C LYS C 79 23.30 -20.46 -20.21
N ARG C 80 23.85 -19.33 -20.68
CA ARG C 80 23.83 -18.02 -19.97
C ARG C 80 22.43 -17.79 -19.39
N SER C 81 22.35 -17.60 -18.07
CA SER C 81 21.10 -17.36 -17.31
C SER C 81 21.40 -16.47 -16.10
N GLY C 82 20.46 -15.57 -15.76
CA GLY C 82 20.51 -14.77 -14.53
C GLY C 82 21.65 -13.77 -14.57
N LEU C 83 22.41 -13.62 -13.47
CA LEU C 83 23.51 -12.63 -13.41
C LEU C 83 24.42 -12.82 -14.62
N GLU C 84 24.84 -14.06 -14.93
CA GLU C 84 25.81 -14.29 -16.04
C GLU C 84 25.30 -13.63 -17.33
N ASP C 85 24.02 -13.76 -17.68
CA ASP C 85 23.47 -13.10 -18.90
C ASP C 85 23.39 -11.58 -18.66
N ILE C 86 23.02 -11.13 -17.46
CA ILE C 86 22.89 -9.68 -17.17
C ILE C 86 24.27 -9.04 -17.33
N PHE C 87 25.31 -9.72 -16.87
CA PHE C 87 26.74 -9.31 -17.02
C PHE C 87 27.12 -9.30 -18.51
N TYR C 88 26.86 -10.37 -19.26
CA TYR C 88 27.25 -10.45 -20.68
C TYR C 88 26.62 -9.26 -21.42
N GLN C 89 25.33 -9.00 -21.20
CA GLN C 89 24.59 -7.92 -21.90
C GLN C 89 25.19 -6.56 -21.50
N GLY C 90 25.55 -6.40 -20.22
CA GLY C 90 26.19 -5.20 -19.68
C GLY C 90 27.52 -4.91 -20.36
N LEU C 91 28.50 -5.82 -20.24
CA LEU C 91 29.86 -5.62 -20.82
C LEU C 91 29.77 -5.58 -22.35
N SER C 92 28.92 -6.40 -22.97
CA SER C 92 28.70 -6.36 -24.44
C SER C 92 28.50 -4.91 -24.87
N GLU C 93 27.66 -4.16 -24.15
CA GLU C 93 27.43 -2.72 -24.42
C GLU C 93 28.76 -1.97 -24.27
N PHE C 94 29.43 -2.15 -23.13
CA PHE C 94 30.70 -1.44 -22.77
C PHE C 94 31.76 -1.68 -23.85
N PHE C 95 32.00 -2.92 -24.25
CA PHE C 95 32.98 -3.27 -25.31
C PHE C 95 32.53 -2.66 -26.65
N LYS C 96 31.23 -2.72 -26.95
CA LYS C 96 30.65 -2.19 -28.23
C LYS C 96 30.86 -0.66 -28.30
N LEU C 97 30.80 0.04 -27.17
CA LEU C 97 31.02 1.51 -27.11
C LEU C 97 32.52 1.82 -27.26
N LYS C 98 33.37 1.27 -26.39
CA LYS C 98 34.84 1.54 -26.37
C LYS C 98 35.39 1.47 -27.81
N LYS C 99 34.99 0.45 -28.58
CA LYS C 99 35.38 0.26 -30.00
C LYS C 99 35.02 1.50 -30.83
N ARG C 100 33.93 2.20 -30.47
CA ARG C 100 33.51 3.49 -31.09
C ARG C 100 34.11 4.69 -30.32
N GLN C 101 35.29 4.52 -29.70
CA GLN C 101 36.09 5.58 -29.05
C GLN C 101 35.16 6.68 -28.48
N ALA C 102 34.28 6.30 -27.57
CA ALA C 102 33.36 7.22 -26.85
C ALA C 102 34.00 7.61 -25.52
N PRO C 103 33.50 8.68 -24.84
CA PRO C 103 34.06 9.09 -23.55
C PRO C 103 33.68 8.12 -22.43
N THR C 104 34.64 7.77 -21.57
CA THR C 104 34.46 6.87 -20.38
C THR C 104 33.08 7.13 -19.76
N SER C 105 32.83 8.38 -19.33
CA SER C 105 31.55 8.86 -18.74
C SER C 105 30.36 8.22 -19.47
N GLN C 106 30.33 8.32 -20.79
CA GLN C 106 29.28 7.73 -21.67
C GLN C 106 29.33 6.20 -21.56
N MET C 107 30.51 5.59 -21.74
CA MET C 107 30.71 4.10 -21.70
C MET C 107 30.04 3.54 -20.46
N ILE C 108 30.33 4.10 -19.28
CA ILE C 108 29.75 3.63 -17.98
C ILE C 108 28.23 3.86 -18.02
N GLU C 109 27.76 5.07 -18.31
CA GLU C 109 26.31 5.41 -18.32
C GLU C 109 25.58 4.37 -19.19
N GLY C 110 26.06 4.16 -20.42
CA GLY C 110 25.55 3.15 -21.36
C GLY C 110 25.44 1.78 -20.72
N THR C 111 26.57 1.22 -20.26
CA THR C 111 26.63 -0.16 -19.67
C THR C 111 25.73 -0.27 -18.45
N GLU C 112 25.46 0.84 -17.75
CA GLU C 112 24.63 0.90 -16.52
C GLU C 112 23.14 0.96 -16.89
N ARG C 113 22.78 1.36 -18.12
CA ARG C 113 21.38 1.37 -18.62
C ARG C 113 21.04 -0.05 -19.08
N ILE C 114 21.95 -0.70 -19.80
CA ILE C 114 21.64 -2.01 -20.47
C ILE C 114 21.77 -3.14 -19.45
N LEU C 115 22.14 -2.86 -18.20
CA LEU C 115 22.05 -3.89 -17.11
C LEU C 115 21.08 -3.44 -16.02
N ARG C 116 20.38 -2.31 -16.15
CA ARG C 116 19.07 -2.07 -15.48
C ARG C 116 17.94 -2.63 -16.36
N VAL C 117 18.25 -2.87 -17.64
CA VAL C 117 17.36 -3.47 -18.68
C VAL C 117 17.74 -4.95 -18.81
N GLY C 118 18.39 -5.49 -17.78
CA GLY C 118 18.67 -6.93 -17.63
C GLY C 118 18.24 -7.44 -16.28
N LEU C 119 18.36 -6.61 -15.23
CA LEU C 119 17.91 -6.95 -13.85
C LEU C 119 16.40 -6.76 -13.73
N SER C 120 15.75 -6.21 -14.74
CA SER C 120 14.29 -5.94 -14.75
C SER C 120 13.58 -6.83 -15.76
N ARG C 121 14.32 -7.37 -16.72
CA ARG C 121 13.80 -8.30 -17.74
C ARG C 121 14.14 -9.72 -17.33
N ASP C 122 14.65 -9.93 -16.12
CA ASP C 122 14.82 -11.30 -15.54
C ASP C 122 14.15 -11.39 -14.18
N GLN C 123 13.82 -10.26 -13.55
CA GLN C 123 12.93 -10.27 -12.36
C GLN C 123 11.57 -10.80 -12.83
N GLY C 124 11.03 -10.20 -13.88
CA GLY C 124 9.76 -10.58 -14.53
C GLY C 124 9.64 -12.07 -14.83
N SER C 125 10.75 -12.78 -15.04
CA SER C 125 10.75 -14.20 -15.49
C SER C 125 11.02 -15.14 -14.32
N LEU C 126 11.37 -14.62 -13.14
CA LEU C 126 11.48 -15.39 -11.88
C LEU C 126 10.11 -15.41 -11.21
N GLU C 127 9.47 -14.25 -11.17
CA GLU C 127 8.14 -14.01 -10.56
C GLU C 127 7.06 -14.52 -11.53
N TYR C 128 7.14 -15.79 -11.98
CA TYR C 128 6.35 -16.29 -13.12
C TYR C 128 4.87 -16.22 -12.78
N GLY C 129 4.50 -16.84 -11.64
CA GLY C 129 3.10 -17.03 -11.22
C GLY C 129 2.79 -16.27 -9.95
N LEU C 130 3.68 -15.41 -9.51
CA LEU C 130 3.62 -14.90 -8.13
C LEU C 130 2.35 -14.05 -7.98
N GLY C 131 1.85 -13.48 -9.07
CA GLY C 131 0.67 -12.61 -9.01
C GLY C 131 -0.61 -13.42 -8.90
N THR C 132 -0.67 -14.55 -9.60
CA THR C 132 -1.77 -15.55 -9.49
C THR C 132 -1.97 -15.99 -8.04
N LEU C 133 -0.92 -16.47 -7.37
CA LEU C 133 -0.97 -16.81 -5.95
C LEU C 133 -1.58 -15.66 -5.15
N ALA C 134 -1.37 -14.41 -5.55
CA ALA C 134 -1.94 -13.29 -4.77
C ALA C 134 -3.46 -13.29 -4.96
N SER C 135 -3.93 -13.47 -6.19
CA SER C 135 -5.37 -13.59 -6.52
C SER C 135 -5.95 -14.81 -5.78
N ILE C 136 -5.59 -16.02 -6.19
CA ILE C 136 -6.04 -17.25 -5.46
C ILE C 136 -6.13 -16.93 -3.98
N GLY C 137 -5.12 -16.34 -3.42
CA GLY C 137 -5.08 -16.13 -1.96
C GLY C 137 -6.11 -15.16 -1.48
N SER C 138 -6.48 -14.17 -2.28
CA SER C 138 -7.34 -13.05 -1.82
C SER C 138 -8.80 -13.39 -2.11
N VAL C 139 -9.09 -13.71 -3.37
CA VAL C 139 -10.45 -14.10 -3.83
C VAL C 139 -10.93 -15.40 -3.18
N ALA C 140 -10.15 -16.48 -3.18
CA ALA C 140 -10.63 -17.85 -2.89
C ALA C 140 -11.40 -17.90 -1.60
N PRO C 141 -10.97 -17.18 -0.52
CA PRO C 141 -11.75 -17.16 0.72
C PRO C 141 -13.21 -16.79 0.43
N TYR C 142 -13.43 -15.77 -0.41
CA TYR C 142 -14.75 -15.15 -0.71
C TYR C 142 -15.53 -15.95 -1.76
N ILE C 143 -14.89 -16.70 -2.66
CA ILE C 143 -15.58 -17.73 -3.47
C ILE C 143 -16.20 -18.76 -2.52
N GLY C 144 -15.43 -19.18 -1.53
CA GLY C 144 -15.91 -20.12 -0.50
C GLY C 144 -17.11 -19.55 0.18
N LEU C 145 -17.01 -18.31 0.63
CA LEU C 145 -18.08 -17.62 1.38
C LEU C 145 -19.35 -17.56 0.53
N PHE C 146 -19.22 -17.30 -0.76
CA PHE C 146 -20.38 -17.32 -1.67
C PHE C 146 -21.02 -18.71 -1.62
N GLY C 147 -20.22 -19.76 -1.68
CA GLY C 147 -20.72 -21.14 -1.50
C GLY C 147 -21.45 -21.29 -0.18
N THR C 148 -20.86 -20.78 0.89
CA THR C 148 -21.47 -20.87 2.24
C THR C 148 -22.85 -20.22 2.19
N VAL C 149 -22.93 -18.98 1.73
CA VAL C 149 -24.21 -18.21 1.70
C VAL C 149 -25.20 -18.97 0.82
N TRP C 150 -24.83 -19.39 -0.37
CA TRP C 150 -25.76 -20.21 -1.20
C TRP C 150 -26.26 -21.40 -0.40
N GLY C 151 -25.41 -21.99 0.42
CA GLY C 151 -25.74 -23.18 1.22
C GLY C 151 -26.73 -22.86 2.33
N ILE C 152 -26.46 -21.84 3.13
CA ILE C 152 -27.34 -21.43 4.25
C ILE C 152 -28.69 -20.98 3.69
N MET C 153 -28.72 -20.57 2.42
CA MET C 153 -29.88 -20.00 1.73
C MET C 153 -30.58 -21.08 0.88
N ASN C 154 -30.08 -22.31 0.85
CA ASN C 154 -30.82 -23.49 0.32
C ASN C 154 -31.14 -24.43 1.47
N ALA C 155 -30.93 -23.94 2.70
CA ALA C 155 -31.55 -24.48 3.92
C ALA C 155 -32.87 -23.72 4.10
N PHE C 156 -32.79 -22.45 4.49
CA PHE C 156 -33.93 -21.63 4.95
C PHE C 156 -35.03 -21.66 3.88
N ILE C 157 -34.67 -21.46 2.61
CA ILE C 157 -35.62 -21.62 1.47
C ILE C 157 -36.28 -23.00 1.55
N GLY C 158 -35.53 -24.05 1.93
CA GLY C 158 -36.06 -25.42 2.14
C GLY C 158 -36.91 -25.53 3.40
N LEU C 159 -36.45 -24.97 4.53
CA LEU C 159 -37.06 -25.07 5.88
C LEU C 159 -38.57 -24.75 5.82
N ALA C 160 -38.94 -23.65 5.15
CA ALA C 160 -40.34 -23.17 5.01
C ALA C 160 -41.27 -24.34 4.64
N ALA C 161 -40.89 -25.14 3.65
CA ALA C 161 -41.71 -26.20 3.02
C ALA C 161 -42.13 -27.27 4.03
N VAL C 162 -41.22 -27.73 4.90
CA VAL C 162 -41.43 -28.92 5.78
C VAL C 162 -42.51 -28.61 6.84
N ASP C 163 -43.21 -29.65 7.29
CA ASP C 163 -44.23 -29.60 8.38
C ASP C 163 -43.57 -29.13 9.69
N GLN C 164 -42.40 -29.67 10.03
CA GLN C 164 -41.75 -29.49 11.35
C GLN C 164 -40.29 -29.03 11.18
N VAL C 165 -39.95 -27.92 11.85
CA VAL C 165 -38.60 -27.29 11.82
C VAL C 165 -37.74 -27.88 12.94
N THR C 166 -37.46 -29.18 12.87
CA THR C 166 -36.43 -29.86 13.71
C THR C 166 -35.07 -29.28 13.28
N LEU C 167 -34.20 -28.93 14.23
CA LEU C 167 -32.80 -28.53 13.91
C LEU C 167 -32.24 -29.57 12.94
N ALA C 168 -32.38 -30.85 13.28
CA ALA C 168 -32.01 -32.03 12.46
C ALA C 168 -32.44 -31.90 10.99
N THR C 169 -33.53 -31.19 10.68
CA THR C 169 -33.98 -30.92 9.28
C THR C 169 -32.92 -30.07 8.56
N VAL C 170 -32.53 -28.94 9.14
CA VAL C 170 -31.66 -27.91 8.50
C VAL C 170 -30.20 -28.39 8.49
N ALA C 171 -29.72 -28.97 9.60
CA ALA C 171 -28.29 -29.23 9.92
C ALA C 171 -27.56 -29.90 8.76
N PRO C 172 -28.11 -30.95 8.10
CA PRO C 172 -27.43 -31.55 6.95
C PRO C 172 -27.11 -30.53 5.85
N GLY C 173 -27.96 -29.50 5.71
CA GLY C 173 -27.79 -28.39 4.74
C GLY C 173 -26.81 -27.32 5.22
N ILE C 174 -26.75 -27.05 6.53
CA ILE C 174 -25.80 -26.05 7.13
C ILE C 174 -24.37 -26.55 6.96
N ALA C 175 -24.11 -27.83 7.23
CA ALA C 175 -22.79 -28.48 7.03
C ALA C 175 -22.27 -28.18 5.62
N GLU C 176 -23.02 -28.60 4.59
CA GLU C 176 -22.62 -28.46 3.16
C GLU C 176 -22.31 -27.00 2.80
N ALA C 177 -22.76 -26.03 3.60
CA ALA C 177 -22.31 -24.63 3.52
C ALA C 177 -20.88 -24.48 4.07
N LEU C 178 -20.68 -24.87 5.33
CA LEU C 178 -19.38 -24.71 6.02
C LEU C 178 -18.30 -25.44 5.24
N ILE C 179 -18.61 -26.59 4.66
CA ILE C 179 -17.59 -27.30 3.84
C ILE C 179 -17.02 -26.31 2.83
N ALA C 180 -17.86 -25.58 2.10
CA ALA C 180 -17.41 -24.64 1.06
C ALA C 180 -16.53 -23.56 1.68
N THR C 181 -16.88 -22.95 2.81
CA THR C 181 -15.99 -21.91 3.40
C THR C 181 -14.67 -22.52 3.89
N ALA C 182 -14.68 -23.74 4.41
CA ALA C 182 -13.46 -24.47 4.80
C ALA C 182 -12.57 -24.67 3.57
N ILE C 183 -13.10 -25.26 2.50
CA ILE C 183 -12.34 -25.46 1.22
C ILE C 183 -11.82 -24.10 0.77
N GLY C 184 -12.63 -23.05 0.94
CA GLY C 184 -12.24 -21.68 0.55
C GLY C 184 -10.99 -21.20 1.26
N LEU C 185 -10.93 -21.39 2.58
CA LEU C 185 -9.76 -21.10 3.46
C LEU C 185 -8.60 -22.02 3.14
N PHE C 186 -8.83 -23.24 2.67
CA PHE C 186 -7.75 -24.22 2.42
C PHE C 186 -7.09 -23.95 1.08
N ALA C 187 -7.78 -23.31 0.12
CA ALA C 187 -7.21 -22.86 -1.17
C ALA C 187 -6.34 -21.63 -0.94
N ALA C 188 -6.75 -20.80 0.01
CA ALA C 188 -6.31 -19.41 0.16
C ALA C 188 -5.11 -19.30 1.09
N ILE C 189 -4.92 -20.23 2.02
CA ILE C 189 -3.88 -20.10 3.08
C ILE C 189 -2.54 -20.48 2.47
N PRO C 190 -2.40 -21.63 1.80
CA PRO C 190 -1.15 -21.97 1.14
C PRO C 190 -0.68 -20.95 0.08
N ALA C 191 -1.57 -20.12 -0.42
CA ALA C 191 -1.29 -19.15 -1.50
C ALA C 191 -1.13 -17.73 -0.93
N VAL C 192 -1.27 -17.53 0.39
CA VAL C 192 -0.83 -16.25 1.03
C VAL C 192 0.33 -16.52 1.99
N LEU C 193 0.80 -17.74 2.02
CA LEU C 193 2.10 -18.11 2.63
C LEU C 193 3.07 -18.47 1.52
N ALA C 194 2.80 -18.04 0.29
CA ALA C 194 3.74 -18.26 -0.82
C ALA C 194 3.73 -17.01 -1.70
N PHE C 195 2.63 -16.24 -1.74
CA PHE C 195 2.74 -14.85 -2.21
C PHE C 195 3.42 -14.02 -1.15
N ASN C 196 3.76 -14.58 0.00
CA ASN C 196 4.49 -13.81 1.03
C ASN C 196 5.95 -14.23 1.01
N HIS C 197 6.20 -15.52 0.77
CA HIS C 197 7.54 -16.15 0.90
C HIS C 197 8.34 -15.95 -0.37
N PHE C 198 7.69 -15.85 -1.51
CA PHE C 198 8.36 -15.72 -2.82
C PHE C 198 8.39 -14.25 -3.21
N THR C 199 7.48 -13.42 -2.73
CA THR C 199 7.63 -11.95 -2.88
C THR C 199 8.90 -11.53 -2.13
N ALA C 200 9.13 -12.08 -0.95
CA ALA C 200 10.37 -11.90 -0.17
C ALA C 200 11.58 -12.42 -0.96
N LYS C 201 11.56 -13.68 -1.38
CA LYS C 201 12.70 -14.26 -2.12
C LYS C 201 12.93 -13.46 -3.40
N SER C 202 11.90 -12.85 -3.98
CA SER C 202 12.03 -12.08 -5.23
C SER C 202 12.81 -10.81 -4.93
N GLU C 203 12.50 -10.14 -3.82
CA GLU C 203 13.14 -8.84 -3.46
C GLU C 203 14.60 -9.11 -3.05
N SER C 204 14.85 -10.21 -2.34
CA SER C 204 16.21 -10.71 -2.03
C SER C 204 17.03 -10.82 -3.32
N VAL C 205 16.53 -11.54 -4.32
CA VAL C 205 17.29 -11.82 -5.57
C VAL C 205 17.46 -10.50 -6.32
N TYR C 206 16.46 -9.63 -6.36
CA TYR C 206 16.61 -8.34 -7.07
C TYR C 206 17.73 -7.58 -6.38
N SER C 207 17.65 -7.43 -5.06
CA SER C 207 18.65 -6.67 -4.27
C SER C 207 20.05 -7.27 -4.46
N ASP C 208 20.21 -8.56 -4.26
CA ASP C 208 21.51 -9.26 -4.48
C ASP C 208 22.07 -8.87 -5.85
N ARG C 209 21.27 -8.96 -6.91
CA ARG C 209 21.74 -8.71 -8.29
C ARG C 209 21.95 -7.22 -8.51
N ALA C 210 21.10 -6.36 -7.94
CA ALA C 210 21.19 -4.89 -8.05
C ALA C 210 22.50 -4.41 -7.45
N LEU C 211 22.81 -4.89 -6.23
CA LEU C 211 24.05 -4.51 -5.50
C LEU C 211 25.25 -5.10 -6.23
N PHE C 212 25.15 -6.27 -6.84
CA PHE C 212 26.23 -6.80 -7.70
C PHE C 212 26.42 -5.89 -8.91
N ALA C 213 25.34 -5.37 -9.48
CA ALA C 213 25.42 -4.48 -10.66
C ALA C 213 26.20 -3.22 -10.26
N GLU C 214 25.82 -2.61 -9.13
CA GLU C 214 26.49 -1.39 -8.58
C GLU C 214 27.98 -1.69 -8.43
N GLU C 215 28.33 -2.79 -7.76
CA GLU C 215 29.75 -3.13 -7.49
C GLU C 215 30.48 -3.43 -8.81
N MET C 216 29.82 -4.01 -9.82
CA MET C 216 30.47 -4.21 -11.13
C MET C 216 30.74 -2.85 -11.77
N ILE C 217 29.78 -1.91 -11.71
CA ILE C 217 29.95 -0.56 -12.31
C ILE C 217 31.23 0.03 -11.72
N ALA C 218 31.33 0.13 -10.39
CA ALA C 218 32.50 0.65 -9.65
C ALA C 218 33.80 0.10 -10.27
N LEU C 219 33.93 -1.22 -10.39
CA LEU C 219 35.13 -1.86 -11.00
C LEU C 219 35.41 -1.18 -12.35
N LEU C 220 34.42 -1.10 -13.23
CA LEU C 220 34.61 -0.59 -14.62
C LEU C 220 35.11 0.86 -14.59
N GLN C 221 34.51 1.74 -13.77
CA GLN C 221 34.93 3.16 -13.61
C GLN C 221 36.43 3.23 -13.25
N ARG C 222 36.86 2.48 -12.23
CA ARG C 222 38.28 2.43 -11.79
C ARG C 222 39.15 1.87 -12.93
N GLN C 223 38.86 0.67 -13.42
CA GLN C 223 39.60 0.01 -14.54
C GLN C 223 39.67 0.96 -15.76
N SER C 224 38.76 1.94 -15.88
CA SER C 224 38.81 3.02 -16.90
C SER C 224 39.96 4.00 -16.60
N VAL C 225 39.86 4.77 -15.51
CA VAL C 225 40.85 5.82 -15.12
C VAL C 225 42.18 5.15 -14.74
N HIS D 10 -8.83 -26.71 33.14
CA HIS D 10 -9.87 -27.50 32.40
C HIS D 10 -9.68 -27.35 30.87
N ILE D 11 -9.38 -26.14 30.40
CA ILE D 11 -9.26 -25.82 28.94
C ILE D 11 -8.33 -26.86 28.29
N SER D 12 -7.16 -27.09 28.91
CA SER D 12 -6.17 -28.13 28.54
C SER D 12 -6.88 -29.42 28.10
N ASP D 13 -7.86 -29.88 28.89
CA ASP D 13 -8.65 -31.11 28.60
C ASP D 13 -9.23 -31.03 27.17
N LEU D 14 -9.93 -29.94 26.82
CA LEU D 14 -10.62 -29.82 25.51
C LEU D 14 -9.62 -30.05 24.36
N ILE D 15 -8.53 -29.29 24.31
CA ILE D 15 -7.48 -29.42 23.25
C ILE D 15 -7.06 -30.90 23.14
N LEU D 16 -6.94 -31.61 24.26
CA LEU D 16 -6.50 -33.04 24.28
C LEU D 16 -7.54 -33.93 23.57
N GLN D 17 -8.84 -33.66 23.75
CA GLN D 17 -9.96 -34.52 23.25
C GLN D 17 -10.71 -33.77 22.14
N ALA D 18 -10.12 -33.71 20.94
CA ALA D 18 -10.69 -33.03 19.74
C ALA D 18 -10.40 -33.84 18.48
N SER D 19 -11.11 -33.50 17.39
CA SER D 19 -10.92 -34.06 16.02
C SER D 19 -9.45 -33.95 15.63
N PRO D 20 -8.85 -34.97 14.97
CA PRO D 20 -7.46 -34.89 14.52
C PRO D 20 -7.12 -33.58 13.80
N VAL D 21 -8.03 -33.08 12.96
CA VAL D 21 -7.81 -31.88 12.10
C VAL D 21 -7.66 -30.65 12.98
N VAL D 22 -8.59 -30.43 13.91
CA VAL D 22 -8.54 -29.21 14.76
C VAL D 22 -7.25 -29.31 15.58
N GLN D 23 -6.84 -30.49 16.03
CA GLN D 23 -5.60 -30.65 16.82
C GLN D 23 -4.39 -30.21 15.98
N LEU D 24 -4.32 -30.60 14.70
CA LEU D 24 -3.21 -30.19 13.80
C LEU D 24 -3.26 -28.66 13.62
N VAL D 25 -4.44 -28.06 13.41
CA VAL D 25 -4.56 -26.57 13.35
C VAL D 25 -3.96 -26.01 14.63
N MET D 26 -4.30 -26.57 15.79
CA MET D 26 -3.83 -26.03 17.08
C MET D 26 -2.31 -26.23 17.23
N LEU D 27 -1.68 -27.26 16.64
CA LEU D 27 -0.21 -27.36 16.69
C LEU D 27 0.43 -26.36 15.72
N ILE D 28 -0.06 -26.30 14.50
CA ILE D 28 0.46 -25.33 13.49
C ILE D 28 0.45 -23.93 14.14
N LEU D 29 -0.50 -23.63 15.02
CA LEU D 29 -0.68 -22.27 15.55
C LEU D 29 0.15 -22.09 16.80
N LEU D 30 0.23 -23.09 17.67
CA LEU D 30 1.08 -22.96 18.88
C LEU D 30 2.54 -22.92 18.45
N LEU D 31 2.92 -23.62 17.39
CA LEU D 31 4.28 -23.46 16.85
C LEU D 31 4.46 -22.06 16.27
N ALA D 32 3.50 -21.52 15.53
CA ALA D 32 3.62 -20.15 14.99
C ALA D 32 3.81 -19.19 16.17
N SER D 33 3.03 -19.37 17.23
CA SER D 33 3.13 -18.55 18.46
C SER D 33 4.57 -18.62 18.94
N ILE D 34 5.06 -19.82 19.16
CA ILE D 34 6.43 -20.01 19.74
C ILE D 34 7.46 -19.40 18.79
N PHE D 35 7.38 -19.65 17.49
CA PHE D 35 8.36 -19.06 16.55
C PHE D 35 8.26 -17.54 16.56
N SER D 36 7.05 -16.97 16.49
CA SER D 36 6.83 -15.51 16.65
C SER D 36 7.71 -15.03 17.80
N TRP D 37 7.53 -15.63 18.97
CA TRP D 37 8.21 -15.16 20.20
C TRP D 37 9.72 -15.27 20.04
N TYR D 38 10.24 -16.32 19.41
CA TYR D 38 11.70 -16.45 19.19
C TYR D 38 12.16 -15.30 18.30
N LEU D 39 11.51 -15.07 17.17
CA LEU D 39 11.84 -13.93 16.28
C LEU D 39 11.74 -12.60 17.01
N ILE D 40 10.76 -12.43 17.88
CA ILE D 40 10.53 -11.12 18.54
C ILE D 40 11.68 -10.90 19.51
N ALA D 41 12.29 -11.96 20.04
CA ALA D 41 13.51 -11.86 20.87
C ALA D 41 14.71 -11.57 19.97
N LYS D 42 14.87 -12.28 18.86
CA LYS D 42 16.04 -12.05 17.96
C LYS D 42 15.98 -10.62 17.43
N LEU D 43 14.86 -10.16 16.91
CA LEU D 43 14.74 -8.81 16.32
C LEU D 43 15.02 -7.78 17.41
N HIS D 44 14.57 -8.00 18.63
CA HIS D 44 14.79 -7.03 19.74
C HIS D 44 16.28 -6.92 20.08
N MET D 45 17.01 -8.03 20.13
CA MET D 45 18.46 -7.98 20.37
C MET D 45 19.14 -7.25 19.22
N SER D 46 18.87 -7.64 17.97
CA SER D 46 19.50 -7.09 16.75
C SER D 46 19.34 -5.57 16.71
N TYR D 47 18.15 -5.06 17.00
CA TYR D 47 17.87 -3.62 16.85
C TYR D 47 18.32 -2.87 18.10
N LYS D 48 18.69 -3.53 19.19
CA LYS D 48 19.25 -2.79 20.34
C LYS D 48 20.77 -2.68 20.12
N LYS D 49 21.43 -3.73 19.65
CA LYS D 49 22.88 -3.67 19.31
C LYS D 49 23.07 -2.58 18.25
N ALA D 50 22.27 -2.59 17.18
CA ALA D 50 22.32 -1.59 16.09
C ALA D 50 22.24 -0.17 16.68
N ARG D 51 21.19 0.14 17.43
CA ARG D 51 20.96 1.50 17.96
C ARG D 51 22.16 1.88 18.84
N GLN D 52 22.68 0.96 19.64
CA GLN D 52 23.79 1.23 20.61
C GLN D 52 25.06 1.57 19.84
N ASP D 53 25.45 0.74 18.87
CA ASP D 53 26.74 0.92 18.15
C ASP D 53 26.64 2.16 17.27
N ASP D 54 25.50 2.42 16.64
CA ASP D 54 25.27 3.65 15.83
C ASP D 54 25.55 4.88 16.68
N GLU D 55 25.00 4.97 17.89
CA GLU D 55 25.22 6.14 18.79
C GLU D 55 26.72 6.25 19.13
N HIS D 56 27.37 5.13 19.45
CA HIS D 56 28.81 5.10 19.84
C HIS D 56 29.65 5.69 18.70
N PHE D 57 29.59 5.10 17.51
CA PHE D 57 30.35 5.55 16.31
C PHE D 57 29.97 7.00 15.99
N GLN D 58 28.68 7.25 15.82
CA GLN D 58 28.15 8.57 15.39
C GLN D 58 28.73 9.64 16.32
N LYS D 59 28.66 9.44 17.64
CA LYS D 59 29.29 10.32 18.67
C LYS D 59 30.78 10.52 18.33
N MET D 60 31.52 9.43 18.22
CA MET D 60 33.00 9.43 18.03
C MET D 60 33.38 10.16 16.73
N PHE D 61 32.63 9.93 15.65
CA PHE D 61 32.83 10.58 14.32
C PHE D 61 32.65 12.09 14.43
N TRP D 62 31.55 12.55 15.00
CA TRP D 62 31.26 13.99 15.20
C TRP D 62 32.08 14.55 16.37
N SER D 63 32.79 13.69 17.11
CA SER D 63 33.90 14.10 18.02
C SER D 63 35.09 14.60 17.19
N GLY D 64 36.03 15.30 17.84
CA GLY D 64 37.12 16.08 17.22
C GLY D 64 37.93 15.28 16.21
N ALA D 65 38.32 14.06 16.57
CA ALA D 65 39.26 13.19 15.82
C ALA D 65 38.96 13.20 14.32
N GLU D 66 40.00 13.35 13.49
CA GLU D 66 39.93 13.44 12.00
C GLU D 66 39.46 12.12 11.38
N LEU D 67 38.97 12.18 10.14
CA LEU D 67 38.57 10.99 9.32
C LEU D 67 39.69 9.94 9.34
N ASN D 68 40.93 10.35 8.99
CA ASN D 68 42.08 9.42 8.87
C ASN D 68 42.20 8.61 10.18
N THR D 69 42.28 9.29 11.34
CA THR D 69 42.30 8.67 12.69
C THR D 69 41.22 7.58 12.77
N LEU D 70 39.95 7.97 12.58
CA LEU D 70 38.78 7.04 12.65
C LEU D 70 39.05 5.85 11.73
N TYR D 71 39.38 6.09 10.45
CA TYR D 71 39.65 5.02 9.46
C TYR D 71 40.69 4.04 10.01
N ASN D 72 41.75 4.54 10.65
CA ASN D 72 42.84 3.71 11.23
C ASN D 72 42.20 2.66 12.15
N ASN D 73 41.44 3.15 13.15
CA ASN D 73 40.83 2.32 14.23
C ASN D 73 39.97 1.22 13.60
N ALA D 74 39.02 1.60 12.75
CA ALA D 74 38.09 0.69 12.04
C ALA D 74 38.87 -0.43 11.35
N GLN D 75 39.90 -0.09 10.57
CA GLN D 75 40.78 -1.07 9.89
C GLN D 75 41.36 -2.04 10.93
N LEU D 76 41.77 -1.53 12.10
CA LEU D 76 42.35 -2.34 13.21
C LEU D 76 41.29 -3.33 13.73
N ASN D 77 40.08 -2.86 14.00
CA ASN D 77 38.99 -3.68 14.60
C ASN D 77 38.55 -4.77 13.60
N SER D 78 38.46 -6.02 14.06
CA SER D 78 37.92 -7.19 13.31
C SER D 78 36.43 -7.38 13.61
N LYS D 79 35.89 -6.64 14.59
CA LYS D 79 34.46 -6.67 15.00
C LYS D 79 33.67 -5.53 14.35
N ARG D 80 34.20 -4.89 13.31
CA ARG D 80 33.48 -3.88 12.49
C ARG D 80 32.06 -4.38 12.20
N SER D 81 31.05 -3.59 12.60
CA SER D 81 29.62 -3.89 12.43
C SER D 81 28.83 -2.58 12.26
N GLY D 82 27.80 -2.59 11.41
CA GLY D 82 26.84 -1.47 11.27
C GLY D 82 27.51 -0.25 10.67
N LEU D 83 27.25 0.95 11.20
CA LEU D 83 27.82 2.20 10.64
C LEU D 83 29.34 2.03 10.49
N GLU D 84 30.04 1.55 11.53
CA GLU D 84 31.53 1.46 11.47
C GLU D 84 31.96 0.71 10.21
N ASP D 85 31.33 -0.41 9.85
CA ASP D 85 31.69 -1.16 8.62
C ASP D 85 31.22 -0.37 7.39
N ILE D 86 30.06 0.28 7.44
CA ILE D 86 29.53 1.05 6.27
C ILE D 86 30.49 2.20 5.98
N PHE D 87 31.02 2.83 7.03
CA PHE D 87 32.06 3.90 6.96
C PHE D 87 33.36 3.32 6.37
N TYR D 88 33.87 2.21 6.91
CA TYR D 88 35.14 1.63 6.43
C TYR D 88 35.02 1.36 4.94
N GLN D 89 33.93 0.74 4.50
CA GLN D 89 33.73 0.36 3.08
C GLN D 89 33.64 1.64 2.22
N GLY D 90 32.98 2.67 2.74
CA GLY D 90 32.87 3.99 2.10
C GLY D 90 34.23 4.63 1.86
N LEU D 91 34.97 4.93 2.93
CA LEU D 91 36.30 5.60 2.84
C LEU D 91 37.29 4.69 2.10
N SER D 92 37.25 3.38 2.33
CA SER D 92 38.13 2.42 1.61
C SER D 92 38.04 2.73 0.10
N GLU D 93 36.83 2.93 -0.43
CA GLU D 93 36.63 3.32 -1.85
C GLU D 93 37.33 4.65 -2.11
N PHE D 94 37.05 5.66 -1.29
CA PHE D 94 37.56 7.06 -1.44
C PHE D 94 39.10 7.05 -1.46
N PHE D 95 39.74 6.39 -0.50
CA PHE D 95 41.23 6.27 -0.43
C PHE D 95 41.74 5.51 -1.66
N LYS D 96 41.06 4.43 -2.06
CA LYS D 96 41.44 3.58 -3.22
C LYS D 96 41.41 4.40 -4.51
N LEU D 97 40.45 5.33 -4.65
CA LEU D 97 40.33 6.22 -5.84
C LEU D 97 41.44 7.29 -5.80
N LYS D 98 41.52 8.09 -4.73
CA LYS D 98 42.49 9.22 -4.61
C LYS D 98 43.88 8.74 -5.06
N LYS D 99 44.30 7.56 -4.61
CA LYS D 99 45.60 6.92 -4.98
C LYS D 99 45.72 6.80 -6.50
N ARG D 100 44.61 6.59 -7.21
CA ARG D 100 44.53 6.58 -8.70
C ARG D 100 44.22 7.99 -9.25
N GLN D 101 44.64 9.04 -8.55
CA GLN D 101 44.57 10.47 -8.98
C GLN D 101 43.36 10.68 -9.91
N ALA D 102 42.16 10.43 -9.40
CA ALA D 102 40.87 10.65 -10.09
C ALA D 102 40.33 12.03 -9.69
N PRO D 103 39.33 12.59 -10.42
CA PRO D 103 38.77 13.89 -10.08
C PRO D 103 37.88 13.81 -8.84
N THR D 104 38.00 14.77 -7.93
CA THR D 104 37.19 14.90 -6.67
C THR D 104 35.76 14.45 -6.94
N SER D 105 35.08 15.11 -7.90
CA SER D 105 33.71 14.81 -8.36
C SER D 105 33.47 13.30 -8.41
N GLN D 106 34.37 12.57 -9.09
CA GLN D 106 34.33 11.09 -9.22
C GLN D 106 34.54 10.46 -7.84
N MET D 107 35.59 10.86 -7.11
CA MET D 107 35.94 10.31 -5.76
C MET D 107 34.69 10.29 -4.88
N ILE D 108 33.98 11.43 -4.78
CA ILE D 108 32.74 11.55 -3.94
C ILE D 108 31.68 10.61 -4.51
N GLU D 109 31.35 10.71 -5.81
CA GLU D 109 30.30 9.88 -6.45
C GLU D 109 30.55 8.41 -6.11
N GLY D 110 31.78 7.93 -6.36
CA GLY D 110 32.24 6.57 -6.02
C GLY D 110 31.94 6.21 -4.58
N THR D 111 32.50 6.96 -3.62
CA THR D 111 32.36 6.69 -2.16
C THR D 111 30.88 6.72 -1.74
N GLU D 112 30.04 7.46 -2.45
CA GLU D 112 28.59 7.63 -2.16
C GLU D 112 27.79 6.45 -2.74
N ARG D 113 28.34 5.70 -3.71
CA ARG D 113 27.70 4.49 -4.28
C ARG D 113 28.01 3.32 -3.33
N ILE D 114 29.25 3.20 -2.87
CA ILE D 114 29.71 2.00 -2.11
C ILE D 114 29.27 2.12 -0.65
N LEU D 115 28.62 3.22 -0.24
CA LEU D 115 27.96 3.27 1.09
C LEU D 115 26.45 3.46 0.95
N ARG D 116 25.88 3.45 -0.24
CA ARG D 116 24.45 3.06 -0.47
C ARG D 116 24.36 1.55 -0.65
N VAL D 117 25.51 0.91 -0.92
CA VAL D 117 25.71 -0.56 -1.08
C VAL D 117 26.30 -1.08 0.24
N GLY D 118 26.13 -0.32 1.32
CA GLY D 118 26.45 -0.74 2.69
C GLY D 118 25.29 -0.50 3.62
N LEU D 119 24.51 0.57 3.40
CA LEU D 119 23.29 0.89 4.19
C LEU D 119 22.12 0.04 3.71
N SER D 120 22.28 -0.73 2.63
CA SER D 120 21.22 -1.58 2.05
C SER D 120 21.57 -3.05 2.21
N ARG D 121 22.85 -3.36 2.43
CA ARG D 121 23.33 -4.72 2.65
C ARG D 121 23.53 -4.94 4.15
N ASP D 122 23.07 -4.01 4.99
CA ASP D 122 23.01 -4.22 6.46
C ASP D 122 21.61 -3.94 6.98
N GLN D 123 20.75 -3.28 6.20
CA GLN D 123 19.30 -3.20 6.52
C GLN D 123 18.76 -4.63 6.45
N GLY D 124 19.02 -5.31 5.33
CA GLY D 124 18.64 -6.71 5.08
C GLY D 124 19.01 -7.68 6.20
N SER D 125 20.05 -7.38 6.99
CA SER D 125 20.59 -8.31 8.01
C SER D 125 20.11 -7.92 9.41
N LEU D 126 19.46 -6.76 9.56
CA LEU D 126 18.78 -6.34 10.82
C LEU D 126 17.36 -6.89 10.80
N GLU D 127 16.70 -6.74 9.66
CA GLU D 127 15.30 -7.18 9.40
C GLU D 127 15.30 -8.70 9.16
N TYR D 128 15.87 -9.50 10.07
CA TYR D 128 16.19 -10.93 9.80
C TYR D 128 14.91 -11.69 9.55
N GLY D 129 13.96 -11.60 10.49
CA GLY D 129 12.72 -12.38 10.51
C GLY D 129 11.49 -11.51 10.34
N LEU D 130 11.67 -10.25 10.01
CA LEU D 130 10.58 -9.27 10.16
C LEU D 130 9.46 -9.64 9.18
N GLY D 131 9.78 -10.32 8.10
CA GLY D 131 8.77 -10.66 7.08
C GLY D 131 7.92 -11.84 7.53
N THR D 132 8.55 -12.81 8.18
CA THR D 132 7.87 -13.97 8.82
C THR D 132 6.78 -13.49 9.80
N LEU D 133 7.14 -12.65 10.77
CA LEU D 133 6.16 -12.03 11.67
C LEU D 133 5.00 -11.43 10.88
N ALA D 134 5.22 -10.93 9.68
CA ALA D 134 4.10 -10.34 8.92
C ALA D 134 3.17 -11.47 8.47
N SER D 135 3.72 -12.57 7.96
CA SER D 135 2.97 -13.78 7.58
C SER D 135 2.24 -14.33 8.81
N ILE D 136 2.97 -14.90 9.78
CA ILE D 136 2.35 -15.38 11.05
C ILE D 136 1.20 -14.44 11.41
N GLY D 137 1.42 -13.16 11.38
CA GLY D 137 0.41 -12.21 11.86
C GLY D 137 -0.81 -12.17 10.98
N SER D 138 -0.67 -12.40 9.68
CA SER D 138 -1.77 -12.17 8.72
C SER D 138 -2.54 -13.49 8.52
N VAL D 139 -1.81 -14.55 8.18
CA VAL D 139 -2.38 -15.91 7.99
C VAL D 139 -2.97 -16.48 9.28
N ALA D 140 -2.24 -16.48 10.40
CA ALA D 140 -2.56 -17.28 11.59
C ALA D 140 -3.99 -17.08 12.03
N PRO D 141 -4.55 -15.85 11.99
CA PRO D 141 -5.97 -15.67 12.33
C PRO D 141 -6.85 -16.64 11.53
N TYR D 142 -6.57 -16.78 10.22
CA TYR D 142 -7.39 -17.53 9.25
C TYR D 142 -7.08 -19.04 9.28
N ILE D 143 -5.89 -19.46 9.68
CA ILE D 143 -5.64 -20.90 10.05
C ILE D 143 -6.57 -21.26 11.21
N GLY D 144 -6.65 -20.38 12.21
CA GLY D 144 -7.55 -20.57 13.35
C GLY D 144 -8.96 -20.72 12.86
N LEU D 145 -9.40 -19.79 12.02
CA LEU D 145 -10.79 -19.77 11.49
C LEU D 145 -11.10 -21.07 10.77
N PHE D 146 -10.15 -21.60 9.99
CA PHE D 146 -10.31 -22.90 9.34
C PHE D 146 -10.58 -23.96 10.41
N GLY D 147 -9.81 -23.96 11.49
CA GLY D 147 -10.06 -24.85 12.63
C GLY D 147 -11.46 -24.66 13.18
N THR D 148 -11.89 -23.42 13.34
CA THR D 148 -13.23 -23.10 13.87
C THR D 148 -14.27 -23.76 12.96
N VAL D 149 -14.21 -23.47 11.66
CA VAL D 149 -15.20 -23.99 10.68
C VAL D 149 -15.16 -25.51 10.71
N TRP D 150 -14.01 -26.14 10.64
CA TRP D 150 -13.95 -27.62 10.76
C TRP D 150 -14.67 -28.07 12.02
N GLY D 151 -14.54 -27.31 13.10
CA GLY D 151 -15.14 -27.66 14.40
C GLY D 151 -16.65 -27.54 14.38
N ILE D 152 -17.18 -26.42 13.91
CA ILE D 152 -18.65 -26.17 13.84
C ILE D 152 -19.28 -27.19 12.87
N MET D 153 -18.48 -27.74 11.96
CA MET D 153 -18.91 -28.65 10.87
C MET D 153 -18.63 -30.10 11.27
N ASN D 154 -18.06 -30.36 12.44
CA ASN D 154 -18.02 -31.73 13.04
C ASN D 154 -18.90 -31.73 14.29
N ALA D 155 -19.67 -30.68 14.47
CA ALA D 155 -20.88 -30.66 15.31
C ALA D 155 -22.05 -31.08 14.43
N PHE D 156 -22.46 -30.20 13.52
CA PHE D 156 -23.72 -30.31 12.75
C PHE D 156 -23.74 -31.66 12.03
N ILE D 157 -22.64 -32.05 11.38
CA ILE D 157 -22.48 -33.41 10.78
C ILE D 157 -22.78 -34.47 11.86
N GLY D 158 -22.35 -34.25 13.11
CA GLY D 158 -22.65 -35.13 14.26
C GLY D 158 -24.10 -35.05 14.71
N LEU D 159 -24.65 -33.84 14.84
CA LEU D 159 -26.00 -33.52 15.37
C LEU D 159 -27.07 -34.42 14.70
N ALA D 160 -27.04 -34.53 13.37
CA ALA D 160 -28.00 -35.32 12.55
C ALA D 160 -28.21 -36.71 13.18
N ALA D 161 -27.12 -37.40 13.53
CA ALA D 161 -27.08 -38.82 13.97
C ALA D 161 -27.91 -39.04 15.23
N VAL D 162 -27.81 -38.14 16.24
CA VAL D 162 -28.37 -38.36 17.60
C VAL D 162 -29.91 -38.33 17.54
N ASP D 163 -30.55 -39.05 18.47
CA ASP D 163 -32.03 -39.09 18.67
C ASP D 163 -32.56 -37.68 19.00
N GLN D 164 -31.88 -36.96 19.90
CA GLN D 164 -32.38 -35.68 20.48
C GLN D 164 -31.31 -34.58 20.35
N VAL D 165 -31.71 -33.45 19.77
CA VAL D 165 -30.86 -32.26 19.53
C VAL D 165 -30.94 -31.32 20.76
N THR D 166 -30.49 -31.79 21.91
CA THR D 166 -30.24 -30.95 23.11
C THR D 166 -29.08 -30.01 22.76
N LEU D 167 -29.19 -28.71 23.09
CA LEU D 167 -28.06 -27.76 22.93
C LEU D 167 -26.82 -28.42 23.53
N ALA D 168 -26.95 -28.94 24.76
CA ALA D 168 -25.92 -29.72 25.51
C ALA D 168 -25.22 -30.78 24.64
N THR D 169 -25.89 -31.34 23.63
CA THR D 169 -25.27 -32.31 22.67
C THR D 169 -24.16 -31.61 21.87
N VAL D 170 -24.48 -30.47 21.24
CA VAL D 170 -23.58 -29.76 20.28
C VAL D 170 -22.48 -29.02 21.05
N ALA D 171 -22.82 -28.35 22.15
CA ALA D 171 -22.00 -27.32 22.85
C ALA D 171 -20.58 -27.81 23.10
N PRO D 172 -20.33 -29.05 23.59
CA PRO D 172 -18.96 -29.53 23.76
C PRO D 172 -18.14 -29.46 22.46
N GLY D 173 -18.79 -29.62 21.31
CA GLY D 173 -18.18 -29.52 19.96
C GLY D 173 -18.01 -28.08 19.48
N ILE D 174 -18.92 -27.17 19.84
CA ILE D 174 -18.83 -25.72 19.46
C ILE D 174 -17.63 -25.09 20.18
N ALA D 175 -17.43 -25.38 21.46
CA ALA D 175 -16.26 -24.91 22.25
C ALA D 175 -14.96 -25.22 21.49
N GLU D 176 -14.71 -26.50 21.23
CA GLU D 176 -13.46 -26.98 20.57
C GLU D 176 -13.23 -26.28 19.21
N ALA D 177 -14.25 -25.67 18.62
CA ALA D 177 -14.10 -24.74 17.48
C ALA D 177 -13.51 -23.40 17.94
N LEU D 178 -14.19 -22.73 18.89
CA LEU D 178 -13.79 -21.39 19.37
C LEU D 178 -12.36 -21.46 19.91
N ILE D 179 -11.99 -22.54 20.57
CA ILE D 179 -10.59 -22.66 21.08
C ILE D 179 -9.65 -22.37 19.91
N ALA D 180 -9.84 -23.00 18.76
CA ALA D 180 -8.96 -22.84 17.59
C ALA D 180 -8.94 -21.39 17.14
N THR D 181 -10.08 -20.69 17.03
CA THR D 181 -10.04 -19.26 16.60
C THR D 181 -9.35 -18.39 17.66
N ALA D 182 -9.52 -18.68 18.95
CA ALA D 182 -8.83 -17.99 20.04
C ALA D 182 -7.31 -18.18 19.88
N ILE D 183 -6.84 -19.43 19.79
CA ILE D 183 -5.40 -19.73 19.59
C ILE D 183 -4.94 -18.99 18.33
N GLY D 184 -5.78 -18.93 17.31
CA GLY D 184 -5.47 -18.24 16.05
C GLY D 184 -5.15 -16.77 16.25
N LEU D 185 -6.00 -16.08 17.01
CA LEU D 185 -5.84 -14.65 17.42
C LEU D 185 -4.66 -14.49 18.36
N PHE D 186 -4.30 -15.49 19.15
CA PHE D 186 -3.21 -15.38 20.15
C PHE D 186 -1.86 -15.57 19.48
N ALA D 187 -1.79 -16.27 18.33
CA ALA D 187 -0.56 -16.40 17.51
C ALA D 187 -0.30 -15.09 16.76
N ALA D 188 -1.38 -14.44 16.37
CA ALA D 188 -1.41 -13.40 15.34
C ALA D 188 -1.24 -12.01 15.94
N ILE D 189 -1.59 -11.80 17.20
CA ILE D 189 -1.62 -10.44 17.81
C ILE D 189 -0.21 -10.06 18.18
N PRO D 190 0.55 -10.90 18.91
CA PRO D 190 1.94 -10.59 19.22
C PRO D 190 2.84 -10.39 17.99
N ALA D 191 2.43 -10.87 16.82
CA ALA D 191 3.22 -10.84 15.58
C ALA D 191 2.71 -9.73 14.65
N VAL D 192 1.66 -8.98 15.02
CA VAL D 192 1.32 -7.71 14.30
C VAL D 192 1.51 -6.52 15.23
N LEU D 193 2.01 -6.76 16.43
CA LEU D 193 2.56 -5.72 17.32
C LEU D 193 4.07 -5.88 17.37
N ALA D 194 4.66 -6.55 16.40
CA ALA D 194 6.13 -6.65 16.31
C ALA D 194 6.54 -6.57 14.85
N PHE D 195 5.66 -6.95 13.90
CA PHE D 195 5.84 -6.48 12.52
C PHE D 195 5.45 -5.02 12.44
N ASN D 196 4.97 -4.41 13.51
CA ASN D 196 4.65 -2.97 13.47
C ASN D 196 5.75 -2.21 14.17
N HIS D 197 6.30 -2.78 15.24
CA HIS D 197 7.24 -2.11 16.16
C HIS D 197 8.67 -2.19 15.64
N PHE D 198 8.99 -3.23 14.89
CA PHE D 198 10.34 -3.47 14.35
C PHE D 198 10.40 -2.96 12.91
N THR D 199 9.29 -2.91 12.19
CA THR D 199 9.27 -2.19 10.89
C THR D 199 9.57 -0.72 11.16
N ALA D 200 9.00 -0.15 12.22
CA ALA D 200 9.30 1.21 12.71
C ALA D 200 10.77 1.33 13.08
N LYS D 201 11.25 0.48 13.99
CA LYS D 201 12.66 0.55 14.44
C LYS D 201 13.59 0.36 13.24
N SER D 202 13.16 -0.37 12.21
CA SER D 202 14.01 -0.62 11.03
C SER D 202 14.14 0.68 10.24
N GLU D 203 13.04 1.41 10.07
CA GLU D 203 13.03 2.66 9.27
C GLU D 203 13.80 3.75 10.04
N SER D 204 13.67 3.79 11.36
CA SER D 204 14.49 4.65 12.25
C SER D 204 15.97 4.42 11.98
N VAL D 205 16.44 3.17 12.04
CA VAL D 205 17.88 2.85 11.91
C VAL D 205 18.31 3.16 10.48
N TYR D 206 17.50 2.88 9.47
CA TYR D 206 17.89 3.19 8.08
C TYR D 206 18.07 4.70 7.98
N SER D 207 17.08 5.46 8.43
CA SER D 207 17.10 6.95 8.36
C SER D 207 18.31 7.50 9.13
N ASP D 208 18.50 7.10 10.38
CA ASP D 208 19.66 7.52 11.19
C ASP D 208 20.95 7.30 10.39
N ARG D 209 21.14 6.12 9.80
CA ARG D 209 22.39 5.77 9.09
C ARG D 209 22.45 6.50 7.74
N ALA D 210 21.32 6.65 7.06
CA ALA D 210 21.23 7.34 5.76
C ALA D 210 21.64 8.82 5.93
N LEU D 211 21.09 9.47 6.95
CA LEU D 211 21.39 10.90 7.24
C LEU D 211 22.83 11.02 7.71
N PHE D 212 23.37 10.05 8.44
CA PHE D 212 24.82 10.04 8.78
C PHE D 212 25.64 9.91 7.50
N ALA D 213 25.19 9.11 6.53
CA ALA D 213 25.94 8.92 5.27
C ALA D 213 25.99 10.27 4.54
N GLU D 214 24.85 10.95 4.42
CA GLU D 214 24.74 12.29 3.77
C GLU D 214 25.73 13.23 4.46
N GLU D 215 25.68 13.32 5.78
CA GLU D 215 26.54 14.27 6.54
C GLU D 215 28.02 13.87 6.39
N MET D 216 28.35 12.58 6.30
CA MET D 216 29.76 12.18 6.04
C MET D 216 30.17 12.64 4.64
N ILE D 217 29.30 12.48 3.63
CA ILE D 217 29.62 12.90 2.24
C ILE D 217 30.02 14.38 2.30
N ALA D 218 29.14 15.24 2.83
CA ALA D 218 29.36 16.70 2.98
C ALA D 218 30.79 16.95 3.48
N LEU D 219 31.18 16.36 4.62
CA LEU D 219 32.54 16.50 5.18
C LEU D 219 33.57 16.26 4.07
N LEU D 220 33.48 15.12 3.37
CA LEU D 220 34.49 14.71 2.36
C LEU D 220 34.60 15.75 1.24
N GLN D 221 33.46 16.24 0.71
CA GLN D 221 33.42 17.28 -0.36
C GLN D 221 34.20 18.53 0.10
N ARG D 222 33.91 19.04 1.30
CA ARG D 222 34.62 20.21 1.89
C ARG D 222 36.11 19.89 2.07
N GLN D 223 36.43 18.85 2.83
CA GLN D 223 37.84 18.39 3.07
C GLN D 223 38.58 18.21 1.74
N SER D 224 37.87 18.00 0.62
CA SER D 224 38.45 17.96 -0.75
C SER D 224 38.88 19.37 -1.19
N VAL D 225 37.93 20.29 -1.40
CA VAL D 225 38.18 21.67 -1.91
C VAL D 225 38.95 22.46 -0.84
N HIS E 10 -24.94 0.11 35.61
CA HIS E 10 -25.02 -1.38 35.71
C HIS E 10 -23.86 -2.04 34.96
N ILE E 11 -23.50 -1.54 33.77
CA ILE E 11 -22.45 -2.13 32.88
C ILE E 11 -21.19 -2.36 33.71
N SER E 12 -20.76 -1.34 34.47
CA SER E 12 -19.65 -1.38 35.44
C SER E 12 -19.63 -2.71 36.19
N ASP E 13 -20.79 -3.15 36.69
CA ASP E 13 -20.93 -4.43 37.45
C ASP E 13 -20.37 -5.59 36.61
N LEU E 14 -20.79 -5.74 35.34
CA LEU E 14 -20.38 -6.89 34.49
C LEU E 14 -18.85 -6.98 34.43
N ILE E 15 -18.17 -5.92 34.01
CA ILE E 15 -16.68 -5.87 33.91
C ILE E 15 -16.07 -6.36 35.23
N LEU E 16 -16.64 -5.98 36.38
CA LEU E 16 -16.12 -6.35 37.73
C LEU E 16 -16.22 -7.87 37.93
N GLN E 17 -17.30 -8.52 37.46
CA GLN E 17 -17.59 -9.96 37.72
C GLN E 17 -17.46 -10.74 36.40
N ALA E 18 -16.23 -10.99 35.95
CA ALA E 18 -15.90 -11.73 34.71
C ALA E 18 -14.69 -12.65 34.92
N SER E 19 -14.48 -13.57 33.98
CA SER E 19 -13.30 -14.48 33.90
C SER E 19 -12.02 -13.67 33.98
N PRO E 20 -10.98 -14.12 34.72
CA PRO E 20 -9.71 -13.41 34.78
C PRO E 20 -9.18 -12.96 33.41
N VAL E 21 -9.31 -13.81 32.39
CA VAL E 21 -8.75 -13.58 31.03
C VAL E 21 -9.46 -12.39 30.39
N VAL E 22 -10.79 -12.39 30.39
CA VAL E 22 -11.55 -11.29 29.73
C VAL E 22 -11.20 -10.01 30.47
N GLN E 23 -11.03 -10.04 31.79
CA GLN E 23 -10.69 -8.83 32.58
C GLN E 23 -9.33 -8.29 32.12
N LEU E 24 -8.33 -9.15 31.91
CA LEU E 24 -6.99 -8.72 31.41
C LEU E 24 -7.14 -8.13 30.01
N VAL E 25 -7.92 -8.76 29.11
CA VAL E 25 -8.20 -8.16 27.77
C VAL E 25 -8.77 -6.76 28.00
N MET E 26 -9.72 -6.61 28.91
CA MET E 26 -10.37 -5.29 29.13
C MET E 26 -9.38 -4.28 29.73
N LEU E 27 -8.37 -4.68 30.51
CA LEU E 27 -7.36 -3.71 30.98
C LEU E 27 -6.40 -3.36 29.83
N ILE E 28 -5.90 -4.35 29.13
CA ILE E 28 -5.00 -4.11 27.95
C ILE E 28 -5.67 -3.08 27.04
N LEU E 29 -6.99 -3.08 26.95
CA LEU E 29 -7.71 -2.26 25.95
C LEU E 29 -8.03 -0.90 26.55
N LEU E 30 -8.42 -0.83 27.82
CA LEU E 30 -8.69 0.49 28.45
C LEU E 30 -7.37 1.25 28.58
N LEU E 31 -6.25 0.57 28.79
CA LEU E 31 -4.95 1.26 28.75
C LEU E 31 -4.65 1.72 27.33
N ALA E 32 -4.89 0.90 26.30
CA ALA E 32 -4.66 1.33 24.90
C ALA E 32 -5.49 2.58 24.65
N SER E 33 -6.75 2.58 25.08
CA SER E 33 -7.66 3.73 24.94
C SER E 33 -6.98 4.94 25.56
N ILE E 34 -6.59 4.81 26.81
CA ILE E 34 -6.01 5.97 27.56
C ILE E 34 -4.73 6.42 26.86
N PHE E 35 -3.84 5.51 26.48
CA PHE E 35 -2.59 5.92 25.80
C PHE E 35 -2.92 6.59 24.46
N SER E 36 -3.81 6.00 23.64
CA SER E 36 -4.31 6.64 22.40
C SER E 36 -4.56 8.11 22.71
N TRP E 37 -5.41 8.37 23.70
CA TRP E 37 -5.86 9.75 24.00
C TRP E 37 -4.67 10.62 24.39
N TYR E 38 -3.70 10.11 25.14
CA TYR E 38 -2.51 10.91 25.51
C TYR E 38 -1.76 11.26 24.23
N LEU E 39 -1.46 10.29 23.37
CA LEU E 39 -0.79 10.54 22.08
C LEU E 39 -1.59 11.53 21.22
N ILE E 40 -2.91 11.45 21.23
CA ILE E 40 -3.73 12.29 20.34
C ILE E 40 -3.63 13.72 20.85
N ALA E 41 -3.41 13.92 22.14
CA ALA E 41 -3.15 15.25 22.71
C ALA E 41 -1.73 15.69 22.35
N LYS E 42 -0.73 14.84 22.52
CA LYS E 42 0.68 15.22 22.20
C LYS E 42 0.77 15.57 20.72
N LEU E 43 0.28 14.73 19.82
CA LEU E 43 0.38 14.96 18.36
C LEU E 43 -0.35 16.25 18.02
N HIS E 44 -1.48 16.55 18.64
CA HIS E 44 -2.25 17.79 18.35
C HIS E 44 -1.45 19.03 18.76
N MET E 45 -0.80 19.02 19.92
CA MET E 45 0.04 20.16 20.33
C MET E 45 1.19 20.31 19.35
N SER E 46 1.93 19.23 19.07
CA SER E 46 3.14 19.23 18.21
C SER E 46 2.81 19.82 16.84
N TYR E 47 1.70 19.43 16.24
CA TYR E 47 1.37 19.84 14.85
C TYR E 47 0.70 21.20 14.87
N LYS E 48 0.30 21.75 16.02
CA LYS E 48 -0.22 23.14 16.01
C LYS E 48 0.97 24.09 16.18
N LYS E 49 1.93 23.77 17.05
CA LYS E 49 3.18 24.58 17.19
C LYS E 49 3.87 24.62 15.83
N ALA E 50 4.06 23.47 15.18
CA ALA E 50 4.69 23.37 13.84
C ALA E 50 4.00 24.33 12.86
N ARG E 51 2.69 24.19 12.67
CA ARG E 51 1.93 24.99 11.68
C ARG E 51 2.11 26.46 12.01
N GLN E 52 2.06 26.84 13.30
CA GLN E 52 2.12 28.25 13.75
C GLN E 52 3.49 28.84 13.43
N ASP E 53 4.57 28.16 13.82
CA ASP E 53 5.94 28.70 13.64
C ASP E 53 6.29 28.73 12.16
N ASP E 54 5.89 27.72 11.38
CA ASP E 54 6.10 27.70 9.91
C ASP E 54 5.50 28.96 9.28
N GLU E 55 4.25 29.32 9.61
CA GLU E 55 3.59 30.53 9.05
C GLU E 55 4.40 31.77 9.46
N HIS E 56 4.80 31.87 10.73
CA HIS E 56 5.55 33.04 11.27
C HIS E 56 6.83 33.24 10.45
N PHE E 57 7.72 32.25 10.43
CA PHE E 57 9.00 32.29 9.69
C PHE E 57 8.73 32.54 8.21
N GLN E 58 7.91 31.69 7.60
CA GLN E 58 7.62 31.73 6.15
C GLN E 58 7.21 33.17 5.77
N LYS E 59 6.27 33.76 6.51
CA LYS E 59 5.85 35.19 6.35
C LYS E 59 7.10 36.09 6.38
N MET E 60 7.88 36.01 7.47
CA MET E 60 9.04 36.91 7.74
C MET E 60 10.10 36.76 6.62
N PHE E 61 10.36 35.54 6.15
CA PHE E 61 11.32 35.23 5.07
C PHE E 61 10.88 35.89 3.76
N TRP E 62 9.63 35.69 3.36
CA TRP E 62 9.06 36.29 2.12
C TRP E 62 8.74 37.77 2.36
N SER E 63 8.85 38.27 3.60
CA SER E 63 8.93 39.72 3.91
C SER E 63 10.26 40.30 3.40
N GLY E 64 10.35 41.62 3.31
CA GLY E 64 11.42 42.36 2.61
C GLY E 64 12.82 41.97 3.06
N ALA E 65 13.04 41.84 4.37
CA ALA E 65 14.36 41.64 5.01
C ALA E 65 15.19 40.60 4.27
N GLU E 66 16.47 40.90 4.02
CA GLU E 66 17.45 40.05 3.26
C GLU E 66 17.76 38.75 4.03
N LEU E 67 18.28 37.75 3.31
CA LEU E 67 18.75 36.45 3.88
C LEU E 67 19.69 36.72 5.06
N ASN E 68 20.73 37.54 4.85
CA ASN E 68 21.77 37.81 5.88
C ASN E 68 21.07 38.25 7.18
N THR E 69 20.21 39.28 7.12
CA THR E 69 19.39 39.76 8.27
C THR E 69 18.76 38.56 8.98
N LEU E 70 17.94 37.78 8.26
CA LEU E 70 17.22 36.60 8.81
C LEU E 70 18.24 35.70 9.50
N TYR E 71 19.32 35.30 8.81
CA TYR E 71 20.37 34.41 9.36
C TYR E 71 20.87 34.95 10.70
N ASN E 72 21.09 36.27 10.80
CA ASN E 72 21.58 36.93 12.04
C ASN E 72 20.66 36.53 13.20
N ASN E 73 19.36 36.81 13.04
CA ASN E 73 18.32 36.62 14.10
C ASN E 73 18.33 35.16 14.56
N ALA E 74 18.19 34.22 13.62
CA ALA E 74 18.18 32.76 13.87
C ALA E 74 19.39 32.36 14.73
N GLN E 75 20.60 32.77 14.33
CA GLN E 75 21.85 32.51 15.09
C GLN E 75 21.68 33.03 16.52
N LEU E 76 21.07 34.21 16.69
CA LEU E 76 20.84 34.84 18.03
C LEU E 76 19.89 33.97 18.86
N ASN E 77 18.78 33.52 18.28
CA ASN E 77 17.73 32.73 18.99
C ASN E 77 18.30 31.36 19.38
N SER E 78 18.11 30.96 20.65
CA SER E 78 18.45 29.62 21.20
C SER E 78 17.23 28.69 21.14
N LYS E 79 16.05 29.23 20.80
CA LYS E 79 14.76 28.50 20.67
C LYS E 79 14.47 28.14 19.20
N ARG E 80 15.47 28.20 18.31
CA ARG E 80 15.38 27.74 16.91
C ARG E 80 14.67 26.38 16.87
N SER E 81 13.55 26.31 16.13
CA SER E 81 12.71 25.10 15.96
C SER E 81 12.07 25.11 14.57
N GLY E 82 11.94 23.93 13.95
CA GLY E 82 11.18 23.74 12.69
C GLY E 82 11.88 24.43 11.54
N LEU E 83 11.14 25.12 10.67
CA LEU E 83 11.73 25.78 9.48
C LEU E 83 12.91 26.64 9.92
N GLU E 84 12.76 27.47 10.97
CA GLU E 84 13.86 28.39 11.37
C GLU E 84 15.16 27.62 11.57
N ASP E 85 15.15 26.45 12.23
CA ASP E 85 16.38 25.63 12.42
C ASP E 85 16.78 25.00 11.07
N ILE E 86 15.82 24.56 10.25
CA ILE E 86 16.14 23.91 8.95
C ILE E 86 16.84 24.94 8.06
N PHE E 87 16.37 26.19 8.10
CA PHE E 87 16.98 27.36 7.40
C PHE E 87 18.39 27.62 7.95
N TYR E 88 18.54 27.75 9.27
CA TYR E 88 19.86 28.06 9.87
C TYR E 88 20.87 26.99 9.42
N GLN E 89 20.51 25.71 9.50
CA GLN E 89 21.42 24.59 9.15
C GLN E 89 21.74 24.67 7.65
N GLY E 90 20.76 25.00 6.82
CA GLY E 90 20.91 25.19 5.36
C GLY E 90 21.92 26.27 5.04
N LEU E 91 21.66 27.52 5.43
CA LEU E 91 22.54 28.68 5.12
C LEU E 91 23.89 28.49 5.82
N SER E 92 23.92 27.98 7.05
CA SER E 92 25.19 27.69 7.77
C SER E 92 26.13 26.94 6.83
N GLU E 93 25.61 25.92 6.12
CA GLU E 93 26.40 25.16 5.11
C GLU E 93 26.86 26.12 4.01
N PHE E 94 25.92 26.88 3.43
CA PHE E 94 26.17 27.81 2.29
C PHE E 94 27.26 28.82 2.65
N PHE E 95 27.14 29.49 3.80
CA PHE E 95 28.16 30.46 4.29
C PHE E 95 29.50 29.75 4.53
N LYS E 96 29.46 28.55 5.11
CA LYS E 96 30.67 27.76 5.44
C LYS E 96 31.41 27.39 4.14
N LEU E 97 30.69 27.11 3.05
CA LEU E 97 31.30 26.78 1.73
C LEU E 97 31.87 28.04 1.09
N LYS E 98 31.06 29.09 0.88
CA LYS E 98 31.47 30.35 0.20
C LYS E 98 32.83 30.81 0.74
N LYS E 99 33.01 30.78 2.07
CA LYS E 99 34.27 31.14 2.76
C LYS E 99 35.44 30.30 2.23
N ARG E 100 35.19 29.04 1.82
CA ARG E 100 36.17 28.14 1.16
C ARG E 100 36.11 28.30 -0.37
N GLN E 101 35.75 29.48 -0.87
CA GLN E 101 35.77 29.86 -2.32
C GLN E 101 35.53 28.63 -3.20
N ALA E 102 34.38 28.00 -3.05
CA ALA E 102 33.92 26.84 -3.85
C ALA E 102 33.04 27.36 -4.99
N PRO E 103 32.76 26.54 -6.04
CA PRO E 103 31.92 26.98 -7.15
C PRO E 103 30.45 27.03 -6.75
N THR E 104 29.74 28.10 -7.15
CA THR E 104 28.28 28.33 -6.89
C THR E 104 27.53 26.99 -6.97
N SER E 105 27.63 26.32 -8.13
CA SER E 105 27.03 24.98 -8.41
C SER E 105 27.15 24.07 -7.17
N GLN E 106 28.36 23.94 -6.63
CA GLN E 106 28.66 23.14 -5.42
C GLN E 106 27.94 23.77 -4.21
N MET E 107 28.11 25.08 -3.98
CA MET E 107 27.51 25.81 -2.83
C MET E 107 26.03 25.46 -2.72
N ILE E 108 25.28 25.59 -3.82
CA ILE E 108 23.81 25.29 -3.86
C ILE E 108 23.61 23.80 -3.56
N GLU E 109 24.26 22.90 -4.30
CA GLU E 109 24.11 21.42 -4.12
C GLU E 109 24.29 21.09 -2.63
N GLY E 110 25.40 21.55 -2.04
CA GLY E 110 25.70 21.41 -0.60
C GLY E 110 24.55 21.85 0.28
N THR E 111 24.15 23.12 0.18
CA THR E 111 23.08 23.72 1.03
C THR E 111 21.74 22.99 0.84
N GLU E 112 21.54 22.36 -0.32
CA GLU E 112 20.29 21.63 -0.69
C GLU E 112 20.32 20.21 -0.11
N ARG E 113 21.50 19.67 0.23
CA ARG E 113 21.65 18.34 0.88
C ARG E 113 21.39 18.53 2.38
N ILE E 114 21.96 19.57 2.98
CA ILE E 114 21.94 19.74 4.47
C ILE E 114 20.60 20.33 4.91
N LEU E 115 19.69 20.64 3.98
CA LEU E 115 18.29 20.98 4.36
C LEU E 115 17.29 19.98 3.78
N ARG E 116 17.74 18.90 3.12
CA ARG E 116 16.95 17.64 3.01
C ARG E 116 17.26 16.75 4.23
N VAL E 117 18.35 17.06 4.94
CA VAL E 117 18.84 16.41 6.19
C VAL E 117 18.42 17.30 7.36
N GLY E 118 17.43 18.16 7.13
CA GLY E 118 16.77 18.96 8.18
C GLY E 118 15.27 18.82 8.10
N LEU E 119 14.70 18.68 6.89
CA LEU E 119 13.25 18.46 6.68
C LEU E 119 12.89 17.00 6.92
N SER E 120 13.88 16.13 7.14
CA SER E 120 13.68 14.68 7.36
C SER E 120 14.06 14.30 8.79
N ARG E 121 14.85 15.14 9.46
CA ARG E 121 15.26 14.94 10.86
C ARG E 121 14.38 15.82 11.75
N ASP E 122 13.33 16.44 11.21
CA ASP E 122 12.29 17.12 12.03
C ASP E 122 10.91 16.61 11.68
N GLN E 123 10.74 15.90 10.56
CA GLN E 123 9.50 15.14 10.28
C GLN E 123 9.39 14.07 11.35
N GLY E 124 10.46 13.28 11.51
CA GLY E 124 10.60 12.21 12.51
C GLY E 124 10.24 12.64 13.94
N SER E 125 10.36 13.92 14.27
CA SER E 125 10.18 14.43 15.66
C SER E 125 8.80 15.09 15.83
N LEU E 126 8.06 15.28 14.74
CA LEU E 126 6.65 15.74 14.77
C LEU E 126 5.76 14.51 14.90
N GLU E 127 6.05 13.49 14.11
CA GLU E 127 5.33 12.20 14.04
C GLU E 127 5.74 11.34 15.24
N TYR E 128 5.64 11.85 16.47
CA TYR E 128 6.27 11.24 17.66
C TYR E 128 5.68 9.86 17.90
N GLY E 129 4.34 9.81 18.01
CA GLY E 129 3.58 8.61 18.40
C GLY E 129 2.70 8.11 17.28
N LEU E 130 2.86 8.63 16.08
CA LEU E 130 1.83 8.46 15.04
C LEU E 130 1.79 6.97 14.66
N GLY E 131 2.87 6.25 14.84
CA GLY E 131 2.93 4.83 14.45
C GLY E 131 2.22 3.96 15.46
N THR E 132 2.36 4.28 16.74
CA THR E 132 1.62 3.63 17.86
C THR E 132 0.10 3.69 17.63
N LEU E 133 -0.45 4.87 17.40
CA LEU E 133 -1.87 5.02 17.04
C LEU E 133 -2.23 4.08 15.89
N ALA E 134 -1.32 3.79 14.98
CA ALA E 134 -1.67 2.88 13.86
C ALA E 134 -1.84 1.47 14.41
N SER E 135 -0.91 1.03 15.28
CA SER E 135 -0.98 -0.28 15.97
C SER E 135 -2.26 -0.32 16.82
N ILE E 136 -2.33 0.45 17.91
CA ILE E 136 -3.57 0.52 18.73
C ILE E 136 -4.77 0.39 17.81
N GLY E 137 -4.80 1.14 16.74
CA GLY E 137 -6.00 1.17 15.90
C GLY E 137 -6.25 -0.12 15.16
N SER E 138 -5.21 -0.87 14.84
CA SER E 138 -5.34 -2.05 13.95
C SER E 138 -5.53 -3.30 14.81
N VAL E 139 -4.62 -3.52 15.76
CA VAL E 139 -4.66 -4.65 16.71
C VAL E 139 -5.88 -4.58 17.64
N ALA E 140 -6.15 -3.47 18.30
CA ALA E 140 -7.07 -3.39 19.45
C ALA E 140 -8.41 -4.00 19.13
N PRO E 141 -8.97 -3.83 17.91
CA PRO E 141 -10.23 -4.49 17.56
C PRO E 141 -10.14 -5.99 17.83
N TYR E 142 -9.01 -6.62 17.44
CA TYR E 142 -8.79 -8.08 17.46
C TYR E 142 -8.35 -8.57 18.85
N ILE E 143 -7.73 -7.74 19.69
CA ILE E 143 -7.58 -8.04 21.15
C ILE E 143 -8.98 -8.19 21.76
N GLY E 144 -9.87 -7.26 21.42
CA GLY E 144 -11.26 -7.30 21.87
C GLY E 144 -11.88 -8.61 21.44
N LEU E 145 -11.76 -8.94 20.16
CA LEU E 145 -12.37 -10.16 19.57
C LEU E 145 -11.86 -11.40 20.30
N PHE E 146 -10.59 -11.44 20.65
CA PHE E 146 -10.03 -12.55 21.45
C PHE E 146 -10.80 -12.62 22.76
N GLY E 147 -11.01 -11.50 23.42
CA GLY E 147 -11.83 -11.45 24.64
C GLY E 147 -13.22 -11.99 24.39
N THR E 148 -13.83 -11.59 23.29
CA THR E 148 -15.19 -12.05 22.92
C THR E 148 -15.18 -13.57 22.83
N VAL E 149 -14.28 -14.13 22.04
CA VAL E 149 -14.21 -15.60 21.80
C VAL E 149 -13.96 -16.28 23.14
N TRP E 150 -13.00 -15.85 23.93
CA TRP E 150 -12.81 -16.44 25.27
C TRP E 150 -14.10 -16.43 26.05
N GLY E 151 -14.90 -15.36 25.91
CA GLY E 151 -16.17 -15.19 26.63
C GLY E 151 -17.23 -16.17 26.16
N ILE E 152 -17.46 -16.25 24.85
CA ILE E 152 -18.47 -17.17 24.25
C ILE E 152 -18.07 -18.62 24.57
N MET E 153 -16.79 -18.86 24.82
CA MET E 153 -16.19 -20.19 25.02
C MET E 153 -16.04 -20.47 26.52
N ASN E 154 -16.42 -19.56 27.40
CA ASN E 154 -16.58 -19.84 28.86
C ASN E 154 -18.06 -19.72 29.21
N ALA E 155 -18.90 -19.64 28.18
CA ALA E 155 -20.34 -19.96 28.25
C ALA E 155 -20.48 -21.45 27.94
N PHE E 156 -20.27 -21.83 26.68
CA PHE E 156 -20.59 -23.16 26.14
C PHE E 156 -19.89 -24.23 26.99
N ILE E 157 -18.61 -24.04 27.30
CA ILE E 157 -17.87 -24.92 28.25
C ILE E 157 -18.64 -25.01 29.57
N GLY E 158 -19.25 -23.92 30.03
CA GLY E 158 -20.12 -23.88 31.23
C GLY E 158 -21.46 -24.57 31.01
N LEU E 159 -22.13 -24.28 29.88
CA LEU E 159 -23.50 -24.74 29.52
C LEU E 159 -23.64 -26.27 29.75
N ALA E 160 -22.67 -27.06 29.26
CA ALA E 160 -22.65 -28.54 29.36
C ALA E 160 -23.01 -28.98 30.79
N ALA E 161 -22.38 -28.38 31.80
CA ALA E 161 -22.43 -28.78 33.22
C ALA E 161 -23.86 -28.73 33.77
N VAL E 162 -24.62 -27.66 33.47
CA VAL E 162 -25.94 -27.37 34.12
C VAL E 162 -26.97 -28.44 33.70
N ASP E 163 -27.95 -28.68 34.58
CA ASP E 163 -29.12 -29.58 34.35
C ASP E 163 -29.95 -29.08 33.15
N GLN E 164 -30.22 -27.76 33.09
CA GLN E 164 -31.18 -27.16 32.11
C GLN E 164 -30.52 -26.00 31.36
N VAL E 165 -30.57 -26.06 30.03
CA VAL E 165 -30.00 -25.05 29.10
C VAL E 165 -31.06 -23.96 28.81
N THR E 166 -31.47 -23.22 29.84
CA THR E 166 -32.27 -21.97 29.70
C THR E 166 -31.36 -20.95 29.01
N LEU E 167 -31.87 -20.22 28.01
CA LEU E 167 -31.13 -19.09 27.38
C LEU E 167 -30.57 -18.23 28.53
N ALA E 168 -31.43 -17.87 29.48
CA ALA E 168 -31.11 -17.13 30.73
C ALA E 168 -29.85 -17.66 31.42
N THR E 169 -29.51 -18.95 31.32
CA THR E 169 -28.26 -19.53 31.88
C THR E 169 -27.04 -18.91 31.18
N VAL E 170 -27.02 -18.94 29.85
CA VAL E 170 -25.83 -18.54 29.01
C VAL E 170 -25.71 -17.01 28.98
N ALA E 171 -26.82 -16.29 28.81
CA ALA E 171 -26.90 -14.86 28.43
C ALA E 171 -26.00 -14.00 29.30
N PRO E 172 -25.96 -14.14 30.65
CA PRO E 172 -25.04 -13.35 31.47
C PRO E 172 -23.58 -13.50 31.03
N GLY E 173 -23.22 -14.67 30.50
CA GLY E 173 -21.87 -14.97 29.97
C GLY E 173 -21.64 -14.44 28.56
N ILE E 174 -22.68 -14.41 27.70
CA ILE E 174 -22.58 -13.88 26.31
C ILE E 174 -22.34 -12.37 26.37
N ALA E 175 -23.05 -11.64 27.23
CA ALA E 175 -22.86 -10.19 27.45
C ALA E 175 -21.37 -9.90 27.69
N GLU E 176 -20.79 -10.49 28.75
CA GLU E 176 -19.39 -10.24 29.17
C GLU E 176 -18.40 -10.52 28.03
N ALA E 177 -18.80 -11.26 26.99
CA ALA E 177 -18.05 -11.35 25.72
C ALA E 177 -18.17 -10.07 24.91
N LEU E 178 -19.41 -9.67 24.58
CA LEU E 178 -19.69 -8.48 23.73
C LEU E 178 -19.05 -7.25 24.37
N ILE E 179 -19.07 -7.14 25.69
CA ILE E 179 -18.43 -5.98 26.35
C ILE E 179 -17.01 -5.86 25.82
N ALA E 180 -16.24 -6.95 25.79
CA ALA E 180 -14.83 -6.94 25.37
C ALA E 180 -14.74 -6.49 23.91
N THR E 181 -15.57 -6.98 22.98
CA THR E 181 -15.48 -6.51 21.57
C THR E 181 -15.88 -5.04 21.45
N ALA E 182 -16.85 -4.57 22.23
CA ALA E 182 -17.22 -3.15 22.28
C ALA E 182 -16.03 -2.31 22.74
N ILE E 183 -15.44 -2.64 23.89
CA ILE E 183 -14.22 -1.93 24.42
C ILE E 183 -13.16 -1.98 23.32
N GLY E 184 -13.04 -3.10 22.62
CA GLY E 184 -12.05 -3.27 21.55
C GLY E 184 -12.21 -2.24 20.45
N LEU E 185 -13.45 -2.05 19.97
CA LEU E 185 -13.86 -1.03 18.95
C LEU E 185 -13.70 0.37 19.52
N PHE E 186 -13.84 0.57 20.82
CA PHE E 186 -13.79 1.93 21.42
C PHE E 186 -12.34 2.37 21.61
N ALA E 187 -11.39 1.44 21.73
CA ALA E 187 -9.93 1.74 21.78
C ALA E 187 -9.45 2.11 20.38
N ALA E 188 -10.04 1.47 19.38
CA ALA E 188 -9.49 1.36 18.02
C ALA E 188 -10.02 2.48 17.12
N ILE E 189 -11.18 3.05 17.42
CA ILE E 189 -11.84 4.02 16.50
C ILE E 189 -11.17 5.38 16.68
N PRO E 190 -11.02 5.90 17.91
CA PRO E 190 -10.30 7.15 18.11
C PRO E 190 -8.86 7.15 17.61
N ALA E 191 -8.25 5.99 17.42
CA ALA E 191 -6.84 5.83 17.02
C ALA E 191 -6.73 5.49 15.53
N VAL E 192 -7.84 5.35 14.80
CA VAL E 192 -7.78 5.32 13.30
C VAL E 192 -8.50 6.54 12.72
N LEU E 193 -8.93 7.44 13.58
CA LEU E 193 -9.34 8.81 13.21
C LEU E 193 -8.29 9.79 13.73
N ALA E 194 -7.10 9.31 14.01
CA ALA E 194 -5.99 10.19 14.42
C ALA E 194 -4.70 9.68 13.81
N PHE E 195 -4.59 8.38 13.51
CA PHE E 195 -3.57 7.93 12.54
C PHE E 195 -4.02 8.32 11.14
N ASN E 196 -5.21 8.90 10.98
CA ASN E 196 -5.64 9.34 9.64
C ASN E 196 -5.48 10.85 9.55
N HIS E 197 -5.75 11.55 10.64
CA HIS E 197 -5.83 13.03 10.70
C HIS E 197 -4.45 13.64 10.88
N PHE E 198 -3.54 12.94 11.53
CA PHE E 198 -2.18 13.43 11.81
C PHE E 198 -1.22 12.90 10.77
N THR E 199 -1.51 11.78 10.13
CA THR E 199 -0.73 11.36 8.93
C THR E 199 -0.94 12.42 7.85
N ALA E 200 -2.17 12.90 7.69
CA ALA E 200 -2.52 14.02 6.80
C ALA E 200 -1.78 15.29 7.22
N LYS E 201 -1.93 15.72 8.47
CA LYS E 201 -1.27 16.96 8.94
C LYS E 201 0.25 16.81 8.80
N SER E 202 0.78 15.60 8.88
CA SER E 202 2.24 15.37 8.78
C SER E 202 2.66 15.63 7.33
N GLU E 203 1.90 15.15 6.36
CA GLU E 203 2.25 15.28 4.92
C GLU E 203 2.08 16.75 4.51
N SER E 204 1.06 17.43 5.02
CA SER E 204 0.87 18.90 4.87
C SER E 204 2.14 19.63 5.30
N VAL E 205 2.62 19.39 6.52
CA VAL E 205 3.77 20.13 7.09
C VAL E 205 5.02 19.76 6.30
N TYR E 206 5.20 18.50 5.90
CA TYR E 206 6.39 18.13 5.10
C TYR E 206 6.34 18.92 3.80
N SER E 207 5.21 18.87 3.10
CA SER E 207 5.04 19.55 1.79
C SER E 207 5.26 21.05 1.94
N ASP E 208 4.59 21.70 2.89
CA ASP E 208 4.77 23.15 3.17
C ASP E 208 6.27 23.45 3.31
N ARG E 209 7.00 22.69 4.12
CA ARG E 209 8.42 22.96 4.41
C ARG E 209 9.28 22.58 3.20
N ALA E 210 8.95 21.50 2.48
CA ALA E 210 9.67 21.04 1.29
C ALA E 210 9.61 22.11 0.20
N LEU E 211 8.41 22.63 -0.05
CA LEU E 211 8.18 23.68 -1.09
C LEU E 211 8.84 24.97 -0.64
N PHE E 212 8.87 25.28 0.65
CA PHE E 212 9.66 26.43 1.16
C PHE E 212 11.14 26.21 0.90
N ALA E 213 11.63 24.99 1.07
CA ALA E 213 13.06 24.67 0.84
C ALA E 213 13.39 24.95 -0.63
N GLU E 214 12.56 24.43 -1.55
CA GLU E 214 12.72 24.63 -3.02
C GLU E 214 12.78 26.12 -3.30
N GLU E 215 11.82 26.89 -2.79
CA GLU E 215 11.74 28.35 -3.06
C GLU E 215 12.94 29.07 -2.44
N MET E 216 13.45 28.62 -1.29
CA MET E 216 14.67 29.24 -0.71
C MET E 216 15.85 28.94 -1.64
N ILE E 217 15.97 27.70 -2.16
CA ILE E 217 17.10 27.33 -3.05
C ILE E 217 17.10 28.34 -4.21
N ALA E 218 15.98 28.45 -4.93
CA ALA E 218 15.79 29.39 -6.07
C ALA E 218 16.41 30.76 -5.72
N LEU E 219 15.99 31.37 -4.61
CA LEU E 219 16.52 32.68 -4.16
C LEU E 219 18.06 32.63 -4.19
N LEU E 220 18.66 31.62 -3.55
CA LEU E 220 20.14 31.54 -3.39
C LEU E 220 20.82 31.47 -4.76
N GLN E 221 20.32 30.63 -5.68
CA GLN E 221 20.86 30.50 -7.08
C GLN E 221 20.89 31.87 -7.76
N ARG E 222 19.78 32.60 -7.74
CA ARG E 222 19.67 33.98 -8.33
C ARG E 222 20.63 34.93 -7.61
N GLN E 223 20.51 35.07 -6.30
CA GLN E 223 21.40 35.94 -5.47
C GLN E 223 22.87 35.60 -5.71
N SER E 224 23.19 34.38 -6.19
CA SER E 224 24.55 33.98 -6.63
C SER E 224 24.93 34.70 -7.93
N VAL E 225 24.26 34.37 -9.05
CA VAL E 225 24.57 34.91 -10.41
C VAL E 225 24.24 36.42 -10.43
#